data_2F15
# 
_entry.id   2F15 
# 
_audit_conform.dict_name       mmcif_pdbx.dic 
_audit_conform.dict_version    5.376 
_audit_conform.dict_location   http://mmcif.pdb.org/dictionaries/ascii/mmcif_pdbx.dic 
# 
loop_
_database_2.database_id 
_database_2.database_code 
_database_2.pdbx_database_accession 
_database_2.pdbx_DOI 
PDB   2F15         pdb_00002f15 10.2210/pdb2f15/pdb 
RCSB  RCSB035323   ?            ?                   
WWPDB D_1000035323 ?            ?                   
# 
_pdbx_database_status.status_code                     REL 
_pdbx_database_status.entry_id                        2F15 
_pdbx_database_status.recvd_initial_deposition_date   2005-11-14 
_pdbx_database_status.deposit_site                    RCSB 
_pdbx_database_status.process_site                    RCSB 
_pdbx_database_status.status_code_sf                  REL 
_pdbx_database_status.status_code_mr                  ? 
_pdbx_database_status.SG_entry                        Y 
_pdbx_database_status.pdb_format_compatible           Y 
_pdbx_database_status.status_code_cs                  ? 
_pdbx_database_status.status_code_nmr_data            ? 
_pdbx_database_status.methods_development_category    ? 
# 
loop_
_audit_author.name 
_audit_author.pdbx_ordinal 
'Walker, J.R.'                         1  
'Wybenga-Groot, L.'                    2  
'Finerty Jr., P.J.'                    3  
'Newman, E.'                           4  
'MacKenzie, F.M.'                      5  
'Weigelt, J.'                          6  
'Sundstrom, M.'                        7  
'Arrowsmith, C.'                       8  
'Edwards, A.'                          9  
'Bochkarev, A.'                        10 
'Dhe-Paganon, S.'                      11 
'Structural Genomics Consortium (SGC)' 12 
# 
_citation.id                        primary 
_citation.title                     'Structure of the Glycogen-Binding Domain Of The Amp-Activated Protein Kinase beta2 Subunit' 
_citation.journal_abbrev            'To be Published' 
_citation.journal_volume            ? 
_citation.page_first                ? 
_citation.page_last                 ? 
_citation.year                      ? 
_citation.journal_id_ASTM           ? 
_citation.country                   ? 
_citation.journal_id_ISSN           ? 
_citation.journal_id_CSD            0353 
_citation.book_publisher            ? 
_citation.pdbx_database_id_PubMed   ? 
_citation.pdbx_database_id_DOI      ? 
# 
loop_
_citation_author.citation_id 
_citation_author.name 
_citation_author.ordinal 
_citation_author.identifier_ORCID 
primary 'Walker, J.R.'      1  ? 
primary 'Wybenga-Groot, L.' 2  ? 
primary 'Finerty Jr., P.J.' 3  ? 
primary 'Newman, E.'        4  ? 
primary 'MacKenzie, F.M.'   5  ? 
primary 'Weigelt, J.'       6  ? 
primary 'Sundstrom, M.'     7  ? 
primary 'Arrowsmith, C.'    8  ? 
primary 'Edwards, A.'       9  ? 
primary 'Bochkarev, A.'     10 ? 
primary 'Dhe-Paganon, S.'   11 ? 
# 
_cell.entry_id           2F15 
_cell.length_a           69.723 
_cell.length_b           69.723 
_cell.length_c           118.491 
_cell.angle_alpha        90.00 
_cell.angle_beta         90.00 
_cell.angle_gamma        120.00 
_cell.Z_PDB              18 
_cell.pdbx_unique_axis   ? 
_cell.length_a_esd       ? 
_cell.length_b_esd       ? 
_cell.length_c_esd       ? 
_cell.angle_alpha_esd    ? 
_cell.angle_beta_esd     ? 
_cell.angle_gamma_esd    ? 
# 
_symmetry.entry_id                         2F15 
_symmetry.space_group_name_H-M             'H 3 2' 
_symmetry.pdbx_full_space_group_name_H-M   ? 
_symmetry.cell_setting                     ? 
_symmetry.Int_Tables_number                155 
_symmetry.space_group_name_Hall            ? 
# 
loop_
_entity.id 
_entity.type 
_entity.src_method 
_entity.pdbx_description 
_entity.formula_weight 
_entity.pdbx_number_of_molecules 
_entity.pdbx_ec 
_entity.pdbx_mutation 
_entity.pdbx_fragment 
_entity.details 
1 polymer man 
;5'-AMP-activated protein kinase, beta-2 subunit
;
10865.175 1  ? ? 'Glycogen-Binding Domain' ? 
2 water   nat water                                             18.015    33 ? ? ?                         ? 
# 
_entity_name_com.entity_id   1 
_entity_name_com.name        'AMPK beta-2 chain' 
# 
_entity_poly.entity_id                      1 
_entity_poly.type                           'polypeptide(L)' 
_entity_poly.nstd_linkage                   no 
_entity_poly.nstd_monomer                   no 
_entity_poly.pdbx_seq_one_letter_code       
;GSVKPTQQARPTVIRWSEGGKEVFISGSFNNWSTKIPLIKSHNDFVAILDLPEGEHQYKFFVDGQWVHDPSEPVVTSQLG
TINNLIHVKKSDFEVF
;
_entity_poly.pdbx_seq_one_letter_code_can   
;GSVKPTQQARPTVIRWSEGGKEVFISGSFNNWSTKIPLIKSHNDFVAILDLPEGEHQYKFFVDGQWVHDPSEPVVTSQLG
TINNLIHVKKSDFEVF
;
_entity_poly.pdbx_strand_id                 A 
_entity_poly.pdbx_target_identifier         ? 
# 
loop_
_entity_poly_seq.entity_id 
_entity_poly_seq.num 
_entity_poly_seq.mon_id 
_entity_poly_seq.hetero 
1 1  GLY n 
1 2  SER n 
1 3  VAL n 
1 4  LYS n 
1 5  PRO n 
1 6  THR n 
1 7  GLN n 
1 8  GLN n 
1 9  ALA n 
1 10 ARG n 
1 11 PRO n 
1 12 THR n 
1 13 VAL n 
1 14 ILE n 
1 15 ARG n 
1 16 TRP n 
1 17 SER n 
1 18 GLU n 
1 19 GLY n 
1 20 GLY n 
1 21 LYS n 
1 22 GLU n 
1 23 VAL n 
1 24 PHE n 
1 25 ILE n 
1 26 SER n 
1 27 GLY n 
1 28 SER n 
1 29 PHE n 
1 30 ASN n 
1 31 ASN n 
1 32 TRP n 
1 33 SER n 
1 34 THR n 
1 35 LYS n 
1 36 ILE n 
1 37 PRO n 
1 38 LEU n 
1 39 ILE n 
1 40 LYS n 
1 41 SER n 
1 42 HIS n 
1 43 ASN n 
1 44 ASP n 
1 45 PHE n 
1 46 VAL n 
1 47 ALA n 
1 48 ILE n 
1 49 LEU n 
1 50 ASP n 
1 51 LEU n 
1 52 PRO n 
1 53 GLU n 
1 54 GLY n 
1 55 GLU n 
1 56 HIS n 
1 57 GLN n 
1 58 TYR n 
1 59 LYS n 
1 60 PHE n 
1 61 PHE n 
1 62 VAL n 
1 63 ASP n 
1 64 GLY n 
1 65 GLN n 
1 66 TRP n 
1 67 VAL n 
1 68 HIS n 
1 69 ASP n 
1 70 PRO n 
1 71 SER n 
1 72 GLU n 
1 73 PRO n 
1 74 VAL n 
1 75 VAL n 
1 76 THR n 
1 77 SER n 
1 78 GLN n 
1 79 LEU n 
1 80 GLY n 
1 81 THR n 
1 82 ILE n 
1 83 ASN n 
1 84 ASN n 
1 85 LEU n 
1 86 ILE n 
1 87 HIS n 
1 88 VAL n 
1 89 LYS n 
1 90 LYS n 
1 91 SER n 
1 92 ASP n 
1 93 PHE n 
1 94 GLU n 
1 95 VAL n 
1 96 PHE n 
# 
_entity_src_gen.entity_id                          1 
_entity_src_gen.pdbx_src_id                        1 
_entity_src_gen.pdbx_alt_source_flag               sample 
_entity_src_gen.pdbx_seq_type                      ? 
_entity_src_gen.pdbx_beg_seq_num                   ? 
_entity_src_gen.pdbx_end_seq_num                   ? 
_entity_src_gen.gene_src_common_name               human 
_entity_src_gen.gene_src_genus                     Homo 
_entity_src_gen.pdbx_gene_src_gene                 PRKAB2 
_entity_src_gen.gene_src_species                   ? 
_entity_src_gen.gene_src_strain                    ? 
_entity_src_gen.gene_src_tissue                    ? 
_entity_src_gen.gene_src_tissue_fraction           ? 
_entity_src_gen.gene_src_details                   ? 
_entity_src_gen.pdbx_gene_src_fragment             ? 
_entity_src_gen.pdbx_gene_src_scientific_name      'Homo sapiens' 
_entity_src_gen.pdbx_gene_src_ncbi_taxonomy_id     9606 
_entity_src_gen.pdbx_gene_src_variant              ? 
_entity_src_gen.pdbx_gene_src_cell_line            ? 
_entity_src_gen.pdbx_gene_src_atcc                 ? 
_entity_src_gen.pdbx_gene_src_organ                ? 
_entity_src_gen.pdbx_gene_src_organelle            ? 
_entity_src_gen.pdbx_gene_src_cell                 ? 
_entity_src_gen.pdbx_gene_src_cellular_location    ? 
_entity_src_gen.host_org_common_name               ? 
_entity_src_gen.pdbx_host_org_scientific_name      'Escherichia coli BL21' 
_entity_src_gen.pdbx_host_org_ncbi_taxonomy_id     511693 
_entity_src_gen.host_org_genus                     Escherichia 
_entity_src_gen.pdbx_host_org_gene                 ? 
_entity_src_gen.pdbx_host_org_organ                ? 
_entity_src_gen.host_org_species                   'Escherichia coli' 
_entity_src_gen.pdbx_host_org_tissue               ? 
_entity_src_gen.pdbx_host_org_tissue_fraction      ? 
_entity_src_gen.pdbx_host_org_strain               BL21 
_entity_src_gen.pdbx_host_org_variant              ? 
_entity_src_gen.pdbx_host_org_cell_line            ? 
_entity_src_gen.pdbx_host_org_atcc                 ? 
_entity_src_gen.pdbx_host_org_culture_collection   ? 
_entity_src_gen.pdbx_host_org_cell                 ? 
_entity_src_gen.pdbx_host_org_organelle            ? 
_entity_src_gen.pdbx_host_org_cellular_location    ? 
_entity_src_gen.pdbx_host_org_vector_type          PLASMID 
_entity_src_gen.pdbx_host_org_vector               ? 
_entity_src_gen.host_org_details                   ? 
_entity_src_gen.expression_system_id               ? 
_entity_src_gen.plasmid_name                       pET-28LIC 
_entity_src_gen.plasmid_details                    ? 
_entity_src_gen.pdbx_description                   ? 
# 
_struct_ref.id                         1 
_struct_ref.db_name                    UNP 
_struct_ref.db_code                    AAKB2_HUMAN 
_struct_ref.pdbx_db_accession          O43741 
_struct_ref.entity_id                  1 
_struct_ref.pdbx_seq_one_letter_code   
;SVKPTQQARPTVIRWSEGGKEVFISGSFNNWSTKIPLIKSHNDFVAILDLPEGEHQYKFFVDGQWVHDPSEPVVTSQLGT
INNLIHVKKSDFEVF
;
_struct_ref.pdbx_align_begin           69 
_struct_ref.pdbx_db_isoform            ? 
# 
_struct_ref_seq.align_id                      1 
_struct_ref_seq.ref_id                        1 
_struct_ref_seq.pdbx_PDB_id_code              2F15 
_struct_ref_seq.pdbx_strand_id                A 
_struct_ref_seq.seq_align_beg                 2 
_struct_ref_seq.pdbx_seq_align_beg_ins_code   ? 
_struct_ref_seq.seq_align_end                 96 
_struct_ref_seq.pdbx_seq_align_end_ins_code   ? 
_struct_ref_seq.pdbx_db_accession             O43741 
_struct_ref_seq.db_align_beg                  69 
_struct_ref_seq.pdbx_db_align_beg_ins_code    ? 
_struct_ref_seq.db_align_end                  163 
_struct_ref_seq.pdbx_db_align_end_ins_code    ? 
_struct_ref_seq.pdbx_auth_seq_align_beg       69 
_struct_ref_seq.pdbx_auth_seq_align_end       163 
# 
_struct_ref_seq_dif.align_id                     1 
_struct_ref_seq_dif.pdbx_pdb_id_code             2F15 
_struct_ref_seq_dif.mon_id                       GLY 
_struct_ref_seq_dif.pdbx_pdb_strand_id           A 
_struct_ref_seq_dif.seq_num                      1 
_struct_ref_seq_dif.pdbx_pdb_ins_code            ? 
_struct_ref_seq_dif.pdbx_seq_db_name             UNP 
_struct_ref_seq_dif.pdbx_seq_db_accession_code   O43741 
_struct_ref_seq_dif.db_mon_id                    ? 
_struct_ref_seq_dif.pdbx_seq_db_seq_num          ? 
_struct_ref_seq_dif.details                      'cloning artifact' 
_struct_ref_seq_dif.pdbx_auth_seq_num            68 
_struct_ref_seq_dif.pdbx_ordinal                 1 
# 
loop_
_chem_comp.id 
_chem_comp.type 
_chem_comp.mon_nstd_flag 
_chem_comp.name 
_chem_comp.pdbx_synonyms 
_chem_comp.formula 
_chem_comp.formula_weight 
ALA 'L-peptide linking' y ALANINE         ? 'C3 H7 N O2'     89.093  
ARG 'L-peptide linking' y ARGININE        ? 'C6 H15 N4 O2 1' 175.209 
ASN 'L-peptide linking' y ASPARAGINE      ? 'C4 H8 N2 O3'    132.118 
ASP 'L-peptide linking' y 'ASPARTIC ACID' ? 'C4 H7 N O4'     133.103 
GLN 'L-peptide linking' y GLUTAMINE       ? 'C5 H10 N2 O3'   146.144 
GLU 'L-peptide linking' y 'GLUTAMIC ACID' ? 'C5 H9 N O4'     147.129 
GLY 'peptide linking'   y GLYCINE         ? 'C2 H5 N O2'     75.067  
HIS 'L-peptide linking' y HISTIDINE       ? 'C6 H10 N3 O2 1' 156.162 
HOH non-polymer         . WATER           ? 'H2 O'           18.015  
ILE 'L-peptide linking' y ISOLEUCINE      ? 'C6 H13 N O2'    131.173 
LEU 'L-peptide linking' y LEUCINE         ? 'C6 H13 N O2'    131.173 
LYS 'L-peptide linking' y LYSINE          ? 'C6 H15 N2 O2 1' 147.195 
PHE 'L-peptide linking' y PHENYLALANINE   ? 'C9 H11 N O2'    165.189 
PRO 'L-peptide linking' y PROLINE         ? 'C5 H9 N O2'     115.130 
SER 'L-peptide linking' y SERINE          ? 'C3 H7 N O3'     105.093 
THR 'L-peptide linking' y THREONINE       ? 'C4 H9 N O3'     119.119 
TRP 'L-peptide linking' y TRYPTOPHAN      ? 'C11 H12 N2 O2'  204.225 
TYR 'L-peptide linking' y TYROSINE        ? 'C9 H11 N O3'    181.189 
VAL 'L-peptide linking' y VALINE          ? 'C5 H11 N O2'    117.146 
# 
_exptl.entry_id          2F15 
_exptl.method            'X-RAY DIFFRACTION' 
_exptl.crystals_number   1 
# 
_exptl_crystal.id                    1 
_exptl_crystal.density_meas          ? 
_exptl_crystal.density_Matthews      2.55 
_exptl_crystal.density_percent_sol   51.75 
_exptl_crystal.description           ? 
_exptl_crystal.F_000                 ? 
_exptl_crystal.preparation           ? 
# 
_exptl_crystal_grow.crystal_id      1 
_exptl_crystal_grow.method          'VAPOR DIFFUSION, HANGING DROP' 
_exptl_crystal_grow.temp            298.0 
_exptl_crystal_grow.temp_details    ? 
_exptl_crystal_grow.pH              7.5 
_exptl_crystal_grow.pdbx_details    
'27% MPD, 0.1 M Hepes, pH 7.5, 0.2 M Ammonium Sulfate, VAPOR DIFFUSION, HANGING DROP, temperature 298.0K' 
_exptl_crystal_grow.pdbx_pH_range   . 
# 
_diffrn.id                     1 
_diffrn.ambient_temp           100 
_diffrn.ambient_temp_details   ? 
_diffrn.crystal_id             1 
# 
_diffrn_detector.diffrn_id              1 
_diffrn_detector.detector               'IMAGE PLATE' 
_diffrn_detector.type                   'RIGAKU RAXIS IV++' 
_diffrn_detector.pdbx_collection_date   2005-09-22 
_diffrn_detector.details                VARIMAX 
# 
_diffrn_radiation.diffrn_id                        1 
_diffrn_radiation.wavelength_id                    1 
_diffrn_radiation.pdbx_monochromatic_or_laue_m_l   M 
_diffrn_radiation.monochromator                    VARIMAX 
_diffrn_radiation.pdbx_diffrn_protocol             'SINGLE WAVELENGTH' 
_diffrn_radiation.pdbx_scattering_type             x-ray 
# 
_diffrn_radiation_wavelength.id           1 
_diffrn_radiation_wavelength.wavelength   1.54178 
_diffrn_radiation_wavelength.wt           1.0 
# 
_diffrn_source.diffrn_id                   1 
_diffrn_source.source                      'ROTATING ANODE' 
_diffrn_source.type                        'RIGAKU FR-E' 
_diffrn_source.pdbx_synchrotron_site       ? 
_diffrn_source.pdbx_synchrotron_beamline   ? 
_diffrn_source.pdbx_wavelength             ? 
_diffrn_source.pdbx_wavelength_list        1.54178 
# 
_reflns.entry_id                     2F15 
_reflns.observed_criterion_sigma_I   -3 
_reflns.observed_criterion_sigma_F   0 
_reflns.d_resolution_low             19.75 
_reflns.d_resolution_high            2.00 
_reflns.number_obs                   7696 
_reflns.number_all                   7696 
_reflns.percent_possible_obs         99.6 
_reflns.pdbx_Rmerge_I_obs            0.04 
_reflns.pdbx_Rsym_value              ? 
_reflns.pdbx_netI_over_sigmaI        59.8 
_reflns.B_iso_Wilson_estimate        ? 
_reflns.pdbx_redundancy              9.1 
_reflns.R_free_details               ? 
_reflns.limit_h_max                  ? 
_reflns.limit_h_min                  ? 
_reflns.limit_k_max                  ? 
_reflns.limit_k_min                  ? 
_reflns.limit_l_max                  ? 
_reflns.limit_l_min                  ? 
_reflns.observed_criterion_F_max     ? 
_reflns.observed_criterion_F_min     ? 
_reflns.pdbx_chi_squared             ? 
_reflns.pdbx_scaling_rejects         ? 
_reflns.pdbx_diffrn_id               1 
_reflns.pdbx_ordinal                 1 
# 
_reflns_shell.d_res_high             2.00 
_reflns_shell.d_res_low              2.07 
_reflns_shell.percent_possible_all   97.1 
_reflns_shell.Rmerge_I_obs           0.547 
_reflns_shell.pdbx_Rsym_value        ? 
_reflns_shell.meanI_over_sigI_obs    2.8 
_reflns_shell.pdbx_redundancy        6.0 
_reflns_shell.percent_possible_obs   ? 
_reflns_shell.number_unique_all      739 
_reflns_shell.number_measured_all    ? 
_reflns_shell.number_measured_obs    ? 
_reflns_shell.number_unique_obs      ? 
_reflns_shell.pdbx_chi_squared       ? 
_reflns_shell.pdbx_diffrn_id         ? 
_reflns_shell.pdbx_ordinal           1 
# 
_refine.entry_id                                 2F15 
_refine.ls_number_reflns_obs                     7330 
_refine.ls_number_reflns_all                     7696 
_refine.pdbx_ls_sigma_I                          ? 
_refine.pdbx_ls_sigma_F                          ? 
_refine.pdbx_data_cutoff_high_absF               ? 
_refine.pdbx_data_cutoff_low_absF                ? 
_refine.pdbx_data_cutoff_high_rms_absF           ? 
_refine.ls_d_res_low                             19.75 
_refine.ls_d_res_high                            2.00 
_refine.ls_percent_reflns_obs                    99.62 
_refine.ls_R_factor_obs                          0.23923 
_refine.ls_R_factor_all                          ? 
_refine.ls_R_factor_R_work                       0.23659 
_refine.ls_R_factor_R_free                       0.29608 
_refine.ls_R_factor_R_free_error                 ? 
_refine.ls_R_factor_R_free_error_details         ? 
_refine.ls_percent_reflns_R_free                 4.7 
_refine.ls_number_reflns_R_free                  365 
_refine.ls_number_parameters                     ? 
_refine.ls_number_restraints                     ? 
_refine.occupancy_min                            ? 
_refine.occupancy_max                            ? 
_refine.correlation_coeff_Fo_to_Fc               0.954 
_refine.correlation_coeff_Fo_to_Fc_free          0.929 
_refine.B_iso_mean                               54.660 
_refine.aniso_B[1][1]                            -1.06 
_refine.aniso_B[2][2]                            -1.06 
_refine.aniso_B[3][3]                            1.60 
_refine.aniso_B[1][2]                            -0.53 
_refine.aniso_B[1][3]                            0.00 
_refine.aniso_B[2][3]                            0.00 
_refine.solvent_model_details                    'BABINET MODEL WITH MASK' 
_refine.solvent_model_param_ksol                 ? 
_refine.solvent_model_param_bsol                 ? 
_refine.pdbx_solvent_vdw_probe_radii             1.20 
_refine.pdbx_solvent_ion_probe_radii             0.80 
_refine.pdbx_solvent_shrinkage_radii             0.80 
_refine.pdbx_ls_cross_valid_method               THROUGHOUT 
_refine.details                                  'HYDROGENS HAVE BEEN ADDED IN THE RIDING POSITIONS' 
_refine.pdbx_starting_model                      1Z0M 
_refine.pdbx_method_to_determine_struct          'MOLECULAR REPLACEMENT' 
_refine.pdbx_isotropic_thermal_model             ? 
_refine.pdbx_stereochemistry_target_values       'MAXIMUM LIKELIHOOD' 
_refine.pdbx_stereochem_target_val_spec_case     ? 
_refine.pdbx_R_Free_selection_details            RANDOM 
_refine.pdbx_overall_ESU_R                       0.201 
_refine.pdbx_overall_ESU_R_Free                  0.193 
_refine.overall_SU_ML                            0.203 
_refine.overall_SU_B                             15.793 
_refine.ls_redundancy_reflns_obs                 ? 
_refine.B_iso_min                                ? 
_refine.B_iso_max                                ? 
_refine.overall_SU_R_Cruickshank_DPI             ? 
_refine.overall_SU_R_free                        ? 
_refine.ls_wR_factor_R_free                      ? 
_refine.ls_wR_factor_R_work                      ? 
_refine.overall_FOM_free_R_set                   ? 
_refine.overall_FOM_work_R_set                   ? 
_refine.pdbx_refine_id                           'X-RAY DIFFRACTION' 
_refine.pdbx_diffrn_id                           1 
_refine.pdbx_TLS_residual_ADP_flag               ? 
_refine.pdbx_overall_phase_error                 ? 
_refine.pdbx_overall_SU_R_free_Cruickshank_DPI   ? 
_refine.pdbx_overall_SU_R_Blow_DPI               ? 
_refine.pdbx_overall_SU_R_free_Blow_DPI          ? 
# 
_refine_hist.pdbx_refine_id                   'X-RAY DIFFRACTION' 
_refine_hist.cycle_id                         LAST 
_refine_hist.pdbx_number_atoms_protein        721 
_refine_hist.pdbx_number_atoms_nucleic_acid   0 
_refine_hist.pdbx_number_atoms_ligand         0 
_refine_hist.number_atoms_solvent             33 
_refine_hist.number_atoms_total               754 
_refine_hist.d_res_high                       2.00 
_refine_hist.d_res_low                        19.75 
# 
loop_
_refine_ls_restr.type 
_refine_ls_restr.dev_ideal 
_refine_ls_restr.dev_ideal_target 
_refine_ls_restr.weight 
_refine_ls_restr.number 
_refine_ls_restr.pdbx_refine_id 
_refine_ls_restr.pdbx_restraint_function 
r_bond_refined_d             0.016  0.022  ? 743  'X-RAY DIFFRACTION' ? 
r_bond_other_d               ?      ?      ? ?    'X-RAY DIFFRACTION' ? 
r_angle_refined_deg          1.603  1.913  ? 1010 'X-RAY DIFFRACTION' ? 
r_angle_other_deg            ?      ?      ? ?    'X-RAY DIFFRACTION' ? 
r_dihedral_angle_1_deg       6.761  5.000  ? 88   'X-RAY DIFFRACTION' ? 
r_dihedral_angle_2_deg       33.891 24.865 ? 37   'X-RAY DIFFRACTION' ? 
r_dihedral_angle_3_deg       18.430 15.000 ? 120  'X-RAY DIFFRACTION' ? 
r_dihedral_angle_4_deg       21.029 15.000 ? 2    'X-RAY DIFFRACTION' ? 
r_chiral_restr               0.107  0.200  ? 108  'X-RAY DIFFRACTION' ? 
r_gen_planes_refined         0.007  0.020  ? 573  'X-RAY DIFFRACTION' ? 
r_gen_planes_other           ?      ?      ? ?    'X-RAY DIFFRACTION' ? 
r_nbd_refined                0.237  0.200  ? 276  'X-RAY DIFFRACTION' ? 
r_nbd_other                  ?      ?      ? ?    'X-RAY DIFFRACTION' ? 
r_nbtor_refined              0.318  0.200  ? 481  'X-RAY DIFFRACTION' ? 
r_nbtor_other                ?      ?      ? ?    'X-RAY DIFFRACTION' ? 
r_xyhbond_nbd_refined        0.197  0.200  ? 43   'X-RAY DIFFRACTION' ? 
r_xyhbond_nbd_other          ?      ?      ? ?    'X-RAY DIFFRACTION' ? 
r_metal_ion_refined          ?      ?      ? ?    'X-RAY DIFFRACTION' ? 
r_metal_ion_other            ?      ?      ? ?    'X-RAY DIFFRACTION' ? 
r_symmetry_vdw_refined       0.258  0.200  ? 51   'X-RAY DIFFRACTION' ? 
r_symmetry_vdw_other         ?      ?      ? ?    'X-RAY DIFFRACTION' ? 
r_symmetry_hbond_refined     0.376  0.200  ? 1    'X-RAY DIFFRACTION' ? 
r_symmetry_hbond_other       ?      ?      ? ?    'X-RAY DIFFRACTION' ? 
r_symmetry_metal_ion_refined ?      ?      ? ?    'X-RAY DIFFRACTION' ? 
r_symmetry_metal_ion_other   ?      ?      ? ?    'X-RAY DIFFRACTION' ? 
r_mcbond_it                  2.168  3.000  ? 453  'X-RAY DIFFRACTION' ? 
r_mcbond_other               ?      ?      ? ?    'X-RAY DIFFRACTION' ? 
r_mcangle_it                 3.025  4.000  ? 724  'X-RAY DIFFRACTION' ? 
r_scbond_it                  3.483  5.000  ? 333  'X-RAY DIFFRACTION' ? 
r_scangle_it                 4.755  7.000  ? 286  'X-RAY DIFFRACTION' ? 
r_rigid_bond_restr           ?      ?      ? ?    'X-RAY DIFFRACTION' ? 
r_sphericity_free            ?      ?      ? ?    'X-RAY DIFFRACTION' ? 
r_sphericity_bonded          ?      ?      ? ?    'X-RAY DIFFRACTION' ? 
# 
_refine_ls_shell.pdbx_total_number_of_bins_used   20 
_refine_ls_shell.d_res_high                       2.000 
_refine_ls_shell.d_res_low                        2.051 
_refine_ls_shell.number_reflns_R_work             502 
_refine_ls_shell.R_factor_R_work                  0.358 
_refine_ls_shell.percent_reflns_obs               96.20 
_refine_ls_shell.R_factor_R_free                  0.451 
_refine_ls_shell.R_factor_R_free_error            ? 
_refine_ls_shell.percent_reflns_R_free            ? 
_refine_ls_shell.number_reflns_R_free             29 
_refine_ls_shell.number_reflns_all                ? 
_refine_ls_shell.R_factor_all                     ? 
_refine_ls_shell.number_reflns_obs                ? 
_refine_ls_shell.redundancy_reflns_obs            ? 
_refine_ls_shell.pdbx_refine_id                   'X-RAY DIFFRACTION' 
# 
_struct.entry_id                  2F15 
_struct.title                     'Glycogen-Binding Domain Of The Amp-Activated Protein Kinase beta2 Subunit' 
_struct.pdbx_model_details        ? 
_struct.pdbx_CASP_flag            ? 
_struct.pdbx_model_type_details   ? 
# 
_struct_keywords.entry_id        2F15 
_struct_keywords.pdbx_keywords   'SUGAR BINDING PROTEIN' 
_struct_keywords.text            
;BETA SANDWICH, FATTY ACID BIOSYNTHESIS, LIPID SYNTHESIS, PHOSPHORYLATION, STRUCTURAL GENOMICS CONSORTIUM, SGC, SUGAR BINDING PROTEIN
;
# 
loop_
_struct_asym.id 
_struct_asym.pdbx_blank_PDB_chainid_flag 
_struct_asym.pdbx_modified 
_struct_asym.entity_id 
_struct_asym.details 
A N N 1 ? 
B N N 2 ? 
# 
_struct_conf.conf_type_id            HELX_P 
_struct_conf.id                      HELX_P1 
_struct_conf.pdbx_PDB_helix_id       1 
_struct_conf.beg_label_comp_id       PHE 
_struct_conf.beg_label_asym_id       A 
_struct_conf.beg_label_seq_id        29 
_struct_conf.pdbx_beg_PDB_ins_code   ? 
_struct_conf.end_label_comp_id       ASN 
_struct_conf.end_label_asym_id       A 
_struct_conf.end_label_seq_id        31 
_struct_conf.pdbx_end_PDB_ins_code   ? 
_struct_conf.beg_auth_comp_id        PHE 
_struct_conf.beg_auth_asym_id        A 
_struct_conf.beg_auth_seq_id         96 
_struct_conf.end_auth_comp_id        ASN 
_struct_conf.end_auth_asym_id        A 
_struct_conf.end_auth_seq_id         98 
_struct_conf.pdbx_PDB_helix_class    5 
_struct_conf.details                 ? 
_struct_conf.pdbx_PDB_helix_length   3 
# 
_struct_conf_type.id          HELX_P 
_struct_conf_type.criteria    ? 
_struct_conf_type.reference   ? 
# 
loop_
_struct_sheet.id 
_struct_sheet.type 
_struct_sheet.number_strands 
_struct_sheet.details 
A ? 3 ? 
B ? 4 ? 
C ? 5 ? 
# 
loop_
_struct_sheet_order.sheet_id 
_struct_sheet_order.range_id_1 
_struct_sheet_order.range_id_2 
_struct_sheet_order.offset 
_struct_sheet_order.sense 
A 1 2 ? anti-parallel 
A 2 3 ? anti-parallel 
B 1 2 ? anti-parallel 
B 2 3 ? anti-parallel 
B 3 4 ? anti-parallel 
C 1 2 ? anti-parallel 
C 2 3 ? anti-parallel 
C 3 4 ? anti-parallel 
C 4 5 ? anti-parallel 
# 
loop_
_struct_sheet_range.sheet_id 
_struct_sheet_range.id 
_struct_sheet_range.beg_label_comp_id 
_struct_sheet_range.beg_label_asym_id 
_struct_sheet_range.beg_label_seq_id 
_struct_sheet_range.pdbx_beg_PDB_ins_code 
_struct_sheet_range.end_label_comp_id 
_struct_sheet_range.end_label_asym_id 
_struct_sheet_range.end_label_seq_id 
_struct_sheet_range.pdbx_end_PDB_ins_code 
_struct_sheet_range.beg_auth_comp_id 
_struct_sheet_range.beg_auth_asym_id 
_struct_sheet_range.beg_auth_seq_id 
_struct_sheet_range.end_auth_comp_id 
_struct_sheet_range.end_auth_asym_id 
_struct_sheet_range.end_auth_seq_id 
A 1 ALA A 9  ? TRP A 16 ? ALA A 76  TRP A 83  
A 2 PHE A 45 ? PRO A 52 ? PHE A 112 PRO A 119 
A 3 ILE A 39 ? LYS A 40 ? ILE A 106 LYS A 107 
B 1 ILE A 36 ? PRO A 37 ? ILE A 103 PRO A 104 
B 2 VAL A 23 ? GLY A 27 ? VAL A 90  GLY A 94  
B 3 GLY A 54 ? VAL A 62 ? GLY A 121 VAL A 129 
B 4 GLN A 65 ? VAL A 67 ? GLN A 132 VAL A 134 
C 1 ILE A 36 ? PRO A 37 ? ILE A 103 PRO A 104 
C 2 VAL A 23 ? GLY A 27 ? VAL A 90  GLY A 94  
C 3 GLY A 54 ? VAL A 62 ? GLY A 121 VAL A 129 
C 4 ILE A 82 ? VAL A 88 ? ILE A 149 VAL A 155 
C 5 VAL A 74 ? THR A 76 ? VAL A 141 THR A 143 
# 
loop_
_pdbx_struct_sheet_hbond.sheet_id 
_pdbx_struct_sheet_hbond.range_id_1 
_pdbx_struct_sheet_hbond.range_id_2 
_pdbx_struct_sheet_hbond.range_1_label_atom_id 
_pdbx_struct_sheet_hbond.range_1_label_comp_id 
_pdbx_struct_sheet_hbond.range_1_label_asym_id 
_pdbx_struct_sheet_hbond.range_1_label_seq_id 
_pdbx_struct_sheet_hbond.range_1_PDB_ins_code 
_pdbx_struct_sheet_hbond.range_1_auth_atom_id 
_pdbx_struct_sheet_hbond.range_1_auth_comp_id 
_pdbx_struct_sheet_hbond.range_1_auth_asym_id 
_pdbx_struct_sheet_hbond.range_1_auth_seq_id 
_pdbx_struct_sheet_hbond.range_2_label_atom_id 
_pdbx_struct_sheet_hbond.range_2_label_comp_id 
_pdbx_struct_sheet_hbond.range_2_label_asym_id 
_pdbx_struct_sheet_hbond.range_2_label_seq_id 
_pdbx_struct_sheet_hbond.range_2_PDB_ins_code 
_pdbx_struct_sheet_hbond.range_2_auth_atom_id 
_pdbx_struct_sheet_hbond.range_2_auth_comp_id 
_pdbx_struct_sheet_hbond.range_2_auth_asym_id 
_pdbx_struct_sheet_hbond.range_2_auth_seq_id 
A 1 2 N THR A 12 ? N THR A 79  O LEU A 49 ? O LEU A 116 
A 2 3 O VAL A 46 ? O VAL A 113 N ILE A 39 ? N ILE A 106 
B 1 2 O ILE A 36 ? O ILE A 103 N ILE A 25 ? N ILE A 92  
B 2 3 N SER A 26 ? N SER A 93  O LYS A 59 ? O LYS A 126 
B 3 4 N PHE A 60 ? N PHE A 127 O VAL A 67 ? O VAL A 134 
C 1 2 O ILE A 36 ? O ILE A 103 N ILE A 25 ? N ILE A 92  
C 2 3 N SER A 26 ? N SER A 93  O LYS A 59 ? O LYS A 126 
C 3 4 N GLY A 54 ? N GLY A 121 O VAL A 88 ? O VAL A 155 
C 4 5 O ASN A 83 ? O ASN A 150 N VAL A 75 ? N VAL A 142 
# 
_atom_sites.entry_id                    2F15 
_atom_sites.fract_transf_matrix[1][1]   0.01107393 
_atom_sites.fract_transf_matrix[1][2]   0.01186886 
_atom_sites.fract_transf_matrix[1][3]   0.00328117 
_atom_sites.fract_transf_matrix[2][1]   -0.00494698 
_atom_sites.fract_transf_matrix[2][2]   0.01432352 
_atom_sites.fract_transf_matrix[2][3]   0.00668064 
_atom_sites.fract_transf_matrix[3][1]   0.00114739 
_atom_sites.fract_transf_matrix[3][2]   -0.00320526 
_atom_sites.fract_transf_matrix[3][3]   0.00772182 
_atom_sites.fract_transf_vector[1]      0.106743 
_atom_sites.fract_transf_vector[2]      0.312802 
_atom_sites.fract_transf_vector[3]      0.084040 
# 
loop_
_atom_type.symbol 
C 
N 
O 
# 
loop_
_atom_site.group_PDB 
_atom_site.id 
_atom_site.type_symbol 
_atom_site.label_atom_id 
_atom_site.label_alt_id 
_atom_site.label_comp_id 
_atom_site.label_asym_id 
_atom_site.label_entity_id 
_atom_site.label_seq_id 
_atom_site.pdbx_PDB_ins_code 
_atom_site.Cartn_x 
_atom_site.Cartn_y 
_atom_site.Cartn_z 
_atom_site.occupancy 
_atom_site.B_iso_or_equiv 
_atom_site.pdbx_formal_charge 
_atom_site.auth_seq_id 
_atom_site.auth_comp_id 
_atom_site.auth_asym_id 
_atom_site.auth_atom_id 
_atom_site.pdbx_PDB_model_num 
ATOM   1   N N   . GLN A 1 8  ? 2.444   -17.464 -0.653  1.00 54.42  ? 75  GLN A N   1 
ATOM   2   C CA  . GLN A 1 8  ? 1.539   -17.342 -1.841  1.00 56.32  ? 75  GLN A CA  1 
ATOM   3   C C   . GLN A 1 8  ? 0.887   -15.954 -1.900  1.00 56.34  ? 75  GLN A C   1 
ATOM   4   O O   . GLN A 1 8  ? 0.277   -15.522 -0.930  1.00 57.99  ? 75  GLN A O   1 
ATOM   5   C CB  . GLN A 1 8  ? 0.475   -18.423 -1.791  1.00 55.73  ? 75  GLN A CB  1 
ATOM   6   C CG  . GLN A 1 8  ? -0.660  -18.264 -2.794  1.00 56.99  ? 75  GLN A CG  1 
ATOM   7   C CD  . GLN A 1 8  ? -2.020  -18.582 -2.168  1.00 55.86  ? 75  GLN A CD  1 
ATOM   8   O OE1 . GLN A 1 8  ? -2.180  -19.575 -1.440  1.00 49.97  ? 75  GLN A OE1 1 
ATOM   9   N NE2 . GLN A 1 8  ? -2.998  -17.717 -2.430  1.00 53.87  ? 75  GLN A NE2 1 
ATOM   10  N N   . ALA A 1 9  ? 1.003   -15.279 -3.045  1.00 56.83  ? 76  ALA A N   1 
ATOM   11  C CA  . ALA A 1 9  ? 0.668   -13.849 -3.174  1.00 55.43  ? 76  ALA A CA  1 
ATOM   12  C C   . ALA A 1 9  ? -0.656  -13.600 -3.892  1.00 57.87  ? 76  ALA A C   1 
ATOM   13  O O   . ALA A 1 9  ? -1.087  -14.417 -4.698  1.00 59.73  ? 76  ALA A O   1 
ATOM   14  C CB  . ALA A 1 9  ? 1.792   -13.114 -3.885  1.00 52.75  ? 76  ALA A CB  1 
ATOM   15  N N   . ARG A 1 10 ? -1.299  -12.471 -3.589  1.00 58.13  ? 77  ARG A N   1 
ATOM   16  C CA  . ARG A 1 10 ? -2.539  -12.034 -4.249  1.00 59.87  ? 77  ARG A CA  1 
ATOM   17  C C   . ARG A 1 10 ? -2.314  -10.735 -4.996  1.00 60.52  ? 77  ARG A C   1 
ATOM   18  O O   . ARG A 1 10 ? -1.514  -9.906  -4.547  1.00 62.14  ? 77  ARG A O   1 
ATOM   19  C CB  . ARG A 1 10 ? -3.616  -11.724 -3.222  1.00 59.99  ? 77  ARG A CB  1 
ATOM   20  C CG  . ARG A 1 10 ? -4.779  -12.572 -3.301  1.00 59.47  ? 77  ARG A CG  1 
ATOM   21  C CD  . ARG A 1 10 ? -6.026  -11.751 -3.273  1.00 61.05  ? 77  ARG A CD  1 
ATOM   22  N NE  . ARG A 1 10 ? -7.179  -12.641 -3.116  1.00 62.56  ? 77  ARG A NE  1 
ATOM   23  C CZ  . ARG A 1 10 ? -7.578  -13.098 -1.941  1.00 63.61  ? 77  ARG A CZ  1 
ATOM   24  N NH1 . ARG A 1 10 ? -6.927  -12.730 -0.842  1.00 67.01  ? 77  ARG A NH1 1 
ATOM   25  N NH2 . ARG A 1 10 ? -8.618  -13.909 -1.854  1.00 66.61  ? 77  ARG A NH2 1 
ATOM   26  N N   . PRO A 1 11 ? -3.009  -10.543 -6.139  1.00 59.60  ? 78  PRO A N   1 
ATOM   27  C CA  . PRO A 1 11 ? -3.089  -9.160  -6.634  1.00 57.06  ? 78  PRO A CA  1 
ATOM   28  C C   . PRO A 1 11 ? -4.012  -8.322  -5.716  1.00 55.69  ? 78  PRO A C   1 
ATOM   29  O O   . PRO A 1 11 ? -5.104  -8.765  -5.282  1.00 50.62  ? 78  PRO A O   1 
ATOM   30  C CB  . PRO A 1 11 ? -3.621  -9.328  -8.075  1.00 57.24  ? 78  PRO A CB  1 
ATOM   31  C CG  . PRO A 1 11 ? -3.424  -10.792 -8.395  1.00 54.13  ? 78  PRO A CG  1 
ATOM   32  C CD  . PRO A 1 11 ? -3.673  -11.476 -7.070  1.00 56.92  ? 78  PRO A CD  1 
ATOM   33  N N   . THR A 1 12 ? -3.536  -7.135  -5.362  1.00 55.30  ? 79  THR A N   1 
ATOM   34  C CA  . THR A 1 12 ? -4.217  -6.328  -4.342  1.00 52.99  ? 79  THR A CA  1 
ATOM   35  C C   . THR A 1 12 ? -4.227  -4.912  -4.835  1.00 50.59  ? 79  THR A C   1 
ATOM   36  O O   . THR A 1 12 ? -3.204  -4.375  -5.256  1.00 49.13  ? 79  THR A O   1 
ATOM   37  C CB  . THR A 1 12 ? -3.512  -6.449  -2.940  1.00 56.59  ? 79  THR A CB  1 
ATOM   38  O OG1 . THR A 1 12 ? -3.924  -7.664  -2.291  1.00 54.30  ? 79  THR A OG1 1 
ATOM   39  C CG2 . THR A 1 12 ? -3.868  -5.265  -2.025  1.00 53.44  ? 79  THR A CG2 1 
ATOM   40  N N   . VAL A 1 13 ? -5.404  -4.314  -4.824  1.00 49.01  ? 80  VAL A N   1 
ATOM   41  C CA  . VAL A 1 13 ? -5.532  -3.002  -5.397  1.00 47.32  ? 80  VAL A CA  1 
ATOM   42  C C   . VAL A 1 13 ? -5.196  -1.991  -4.309  1.00 48.06  ? 80  VAL A C   1 
ATOM   43  O O   . VAL A 1 13 ? -5.753  -2.045  -3.195  1.00 44.85  ? 80  VAL A O   1 
ATOM   44  C CB  . VAL A 1 13 ? -6.941  -2.737  -5.918  1.00 45.87  ? 80  VAL A CB  1 
ATOM   45  C CG1 . VAL A 1 13 ? -7.018  -1.349  -6.484  1.00 47.28  ? 80  VAL A CG1 1 
ATOM   46  C CG2 . VAL A 1 13 ? -7.349  -3.840  -6.983  1.00 43.80  ? 80  VAL A CG2 1 
ATOM   47  N N   . ILE A 1 14 ? -4.284  -1.090  -4.647  1.00 48.77  ? 81  ILE A N   1 
ATOM   48  C CA  . ILE A 1 14 ? -4.026  0.043   -3.762  1.00 51.49  ? 81  ILE A CA  1 
ATOM   49  C C   . ILE A 1 14 ? -4.398  1.332   -4.514  1.00 50.99  ? 81  ILE A C   1 
ATOM   50  O O   . ILE A 1 14 ? -3.883  1.624   -5.599  1.00 53.44  ? 81  ILE A O   1 
ATOM   51  C CB  . ILE A 1 14 ? -2.561  0.123   -3.224  1.00 51.13  ? 81  ILE A CB  1 
ATOM   52  C CG1 . ILE A 1 14 ? -2.064  -1.206  -2.555  1.00 39.82  ? 81  ILE A CG1 1 
ATOM   53  C CG2 . ILE A 1 14 ? -2.471  1.282   -2.212  1.00 54.08  ? 81  ILE A CG2 1 
ATOM   54  C CD1 . ILE A 1 14 ? -2.808  -1.615  -1.273  1.00 42.94  ? 81  ILE A CD1 1 
ATOM   55  N N   . ARG A 1 15 ? -5.313  2.073   -3.917  1.00 52.02  ? 82  ARG A N   1 
ATOM   56  C CA  . ARG A 1 15 ? -5.772  3.337   -4.476  1.00 53.46  ? 82  ARG A CA  1 
ATOM   57  C C   . ARG A 1 15 ? -5.467  4.533   -3.548  1.00 51.48  ? 82  ARG A C   1 
ATOM   58  O O   . ARG A 1 15 ? -5.903  4.581   -2.396  1.00 52.43  ? 82  ARG A O   1 
ATOM   59  C CB  . ARG A 1 15 ? -7.268  3.223   -4.763  1.00 52.92  ? 82  ARG A CB  1 
ATOM   60  C CG  . ARG A 1 15 ? -7.920  4.438   -5.421  1.00 57.76  ? 82  ARG A CG  1 
ATOM   61  C CD  . ARG A 1 15 ? -9.332  4.046   -5.853  1.00 60.91  ? 82  ARG A CD  1 
ATOM   62  N NE  . ARG A 1 15 ? -10.224 5.191   -5.954  1.00 67.29  ? 82  ARG A NE  1 
ATOM   63  C CZ  . ARG A 1 15 ? -11.535 5.133   -5.763  1.00 69.91  ? 82  ARG A CZ  1 
ATOM   64  N NH1 . ARG A 1 15 ? -12.106 3.970   -5.443  1.00 70.77  ? 82  ARG A NH1 1 
ATOM   65  N NH2 . ARG A 1 15 ? -12.273 6.238   -5.877  1.00 69.66  ? 82  ARG A NH2 1 
ATOM   66  N N   . TRP A 1 16 ? -4.723  5.492   -4.072  1.00 52.78  ? 83  TRP A N   1 
ATOM   67  C CA  . TRP A 1 16 ? -4.521  6.767   -3.382  1.00 57.77  ? 83  TRP A CA  1 
ATOM   68  C C   . TRP A 1 16 ? -5.511  7.812   -3.945  1.00 59.35  ? 83  TRP A C   1 
ATOM   69  O O   . TRP A 1 16 ? -5.388  8.250   -5.103  1.00 55.57  ? 83  TRP A O   1 
ATOM   70  C CB  . TRP A 1 16 ? -3.083  7.260   -3.572  1.00 55.34  ? 83  TRP A CB  1 
ATOM   71  C CG  . TRP A 1 16 ? -2.812  8.652   -3.051  1.00 57.00  ? 83  TRP A CG  1 
ATOM   72  C CD1 . TRP A 1 16 ? -2.765  9.822   -3.774  1.00 55.70  ? 83  TRP A CD1 1 
ATOM   73  C CD2 . TRP A 1 16 ? -2.535  9.010   -1.692  1.00 54.33  ? 83  TRP A CD2 1 
ATOM   74  N NE1 . TRP A 1 16 ? -2.485  10.885  -2.938  1.00 54.52  ? 83  TRP A NE1 1 
ATOM   75  C CE2 . TRP A 1 16 ? -2.326  10.412  -1.658  1.00 58.46  ? 83  TRP A CE2 1 
ATOM   76  C CE3 . TRP A 1 16 ? -2.424  8.279   -0.502  1.00 55.16  ? 83  TRP A CE3 1 
ATOM   77  C CZ2 . TRP A 1 16 ? -2.002  11.098  -0.469  1.00 54.25  ? 83  TRP A CZ2 1 
ATOM   78  C CZ3 . TRP A 1 16 ? -2.116  8.968   0.690   1.00 59.70  ? 83  TRP A CZ3 1 
ATOM   79  C CH2 . TRP A 1 16 ? -1.913  10.366  0.688   1.00 56.21  ? 83  TRP A CH2 1 
ATOM   80  N N   . SER A 1 17 ? -6.458  8.226   -3.113  1.00 61.90  ? 84  SER A N   1 
ATOM   81  C CA  . SER A 1 17 ? -7.462  9.161   -3.587  1.00 66.36  ? 84  SER A CA  1 
ATOM   82  C C   . SER A 1 17 ? -7.437  10.565  -2.953  1.00 67.85  ? 84  SER A C   1 
ATOM   83  O O   . SER A 1 17 ? -8.401  11.304  -3.089  1.00 70.24  ? 84  SER A O   1 
ATOM   84  C CB  . SER A 1 17 ? -8.852  8.506   -3.552  1.00 66.63  ? 84  SER A CB  1 
ATOM   85  O OG  . SER A 1 17 ? -9.391  8.472   -2.248  1.00 70.05  ? 84  SER A OG  1 
ATOM   86  N N   . GLU A 1 18 ? -6.338  10.952  -2.296  1.00 69.64  ? 85  GLU A N   1 
ATOM   87  C CA  . GLU A 1 18 ? -6.197  12.320  -1.757  1.00 68.47  ? 85  GLU A CA  1 
ATOM   88  C C   . GLU A 1 18 ? -5.427  13.200  -2.714  1.00 69.02  ? 85  GLU A C   1 
ATOM   89  O O   . GLU A 1 18 ? -4.995  14.301  -2.365  1.00 70.46  ? 85  GLU A O   1 
ATOM   90  C CB  . GLU A 1 18 ? -5.501  12.365  -0.386  1.00 68.56  ? 85  GLU A CB  1 
ATOM   91  C CG  . GLU A 1 18 ? -5.772  11.224  0.530   1.00 67.21  ? 85  GLU A CG  1 
ATOM   92  C CD  . GLU A 1 18 ? -7.184  11.181  1.025   1.00 70.86  ? 85  GLU A CD  1 
ATOM   93  O OE1 . GLU A 1 18 ? -7.523  11.979  1.919   1.00 69.49  ? 85  GLU A OE1 1 
ATOM   94  O OE2 . GLU A 1 18 ? -7.949  10.308  0.551   1.00 74.69  ? 85  GLU A OE2 1 
ATOM   95  N N   . GLY A 1 19 ? -5.229  12.722  -3.929  1.00 69.71  ? 86  GLY A N   1 
ATOM   96  C CA  . GLY A 1 19 ? -4.606  13.566  -4.941  1.00 69.76  ? 86  GLY A CA  1 
ATOM   97  C C   . GLY A 1 19 ? -3.166  13.924  -4.656  1.00 69.72  ? 86  GLY A C   1 
ATOM   98  O O   . GLY A 1 19 ? -2.636  13.579  -3.613  1.00 70.45  ? 86  GLY A O   1 
ATOM   99  N N   . GLY A 1 20 ? -2.561  14.633  -5.603  1.00 68.14  ? 87  GLY A N   1 
ATOM   100 C CA  . GLY A 1 20 ? -1.139  14.897  -5.648  1.00 68.54  ? 87  GLY A CA  1 
ATOM   101 C C   . GLY A 1 20 ? -0.794  14.706  -7.095  1.00 68.07  ? 87  GLY A C   1 
ATOM   102 O O   . GLY A 1 20 ? -1.672  14.398  -7.884  1.00 71.23  ? 87  GLY A O   1 
ATOM   103 N N   . LYS A 1 21 ? 0.466   14.867  -7.467  1.00 69.04  ? 88  LYS A N   1 
ATOM   104 C CA  . LYS A 1 21 ? 0.857   14.698  -8.866  1.00 68.53  ? 88  LYS A CA  1 
ATOM   105 C C   . LYS A 1 21 ? 1.634   13.412  -9.110  1.00 68.23  ? 88  LYS A C   1 
ATOM   106 O O   . LYS A 1 21 ? 1.437   12.748  -10.123 1.00 69.49  ? 88  LYS A O   1 
ATOM   107 C CB  . LYS A 1 21 ? 1.661   15.912  -9.360  1.00 71.10  ? 88  LYS A CB  1 
ATOM   108 C CG  . LYS A 1 21 ? 0.808   17.147  -9.685  1.00 73.14  ? 88  LYS A CG  1 
ATOM   109 C CD  . LYS A 1 21 ? 0.040   16.956  -11.017 1.00 78.13  ? 88  LYS A CD  1 
ATOM   110 C CE  . LYS A 1 21 ? -0.977  18.086  -11.319 1.00 75.94  ? 88  LYS A CE  1 
ATOM   111 N NZ  . LYS A 1 21 ? -2.186  18.006  -10.456 1.00 76.18  ? 88  LYS A NZ  1 
ATOM   112 N N   . GLU A 1 22 ? 2.516   13.058  -8.183  1.00 67.52  ? 89  GLU A N   1 
ATOM   113 C CA  . GLU A 1 22 ? 3.345   11.852  -8.320  1.00 66.00  ? 89  GLU A CA  1 
ATOM   114 C C   . GLU A 1 22 ? 3.239   10.967  -7.069  1.00 63.93  ? 89  GLU A C   1 
ATOM   115 O O   . GLU A 1 22 ? 3.655   11.384  -5.985  1.00 64.70  ? 89  GLU A O   1 
ATOM   116 C CB  . GLU A 1 22 ? 4.790   12.286  -8.563  1.00 66.52  ? 89  GLU A CB  1 
ATOM   117 C CG  . GLU A 1 22 ? 5.628   11.288  -9.278  1.00 69.81  ? 89  GLU A CG  1 
ATOM   118 C CD  . GLU A 1 22 ? 7.063   11.722  -9.359  1.00 77.35  ? 89  GLU A CD  1 
ATOM   119 O OE1 . GLU A 1 22 ? 7.504   12.447  -8.435  1.00 82.56  ? 89  GLU A OE1 1 
ATOM   120 O OE2 . GLU A 1 22 ? 7.755   11.338  -10.338 1.00 79.39  ? 89  GLU A OE2 1 
ATOM   121 N N   . VAL A 1 23 ? 2.664   9.771   -7.201  1.00 59.55  ? 90  VAL A N   1 
ATOM   122 C CA  . VAL A 1 23 ? 2.526   8.845   -6.049  1.00 55.31  ? 90  VAL A CA  1 
ATOM   123 C C   . VAL A 1 23 ? 3.349   7.532   -6.187  1.00 54.74  ? 90  VAL A C   1 
ATOM   124 O O   . VAL A 1 23 ? 3.485   6.976   -7.311  1.00 55.02  ? 90  VAL A O   1 
ATOM   125 C CB  . VAL A 1 23 ? 1.046   8.519   -5.747  1.00 54.04  ? 90  VAL A CB  1 
ATOM   126 C CG1 . VAL A 1 23 ? 0.913   7.662   -4.490  1.00 53.43  ? 90  VAL A CG1 1 
ATOM   127 C CG2 . VAL A 1 23 ? 0.220   9.799   -5.607  1.00 54.55  ? 90  VAL A CG2 1 
ATOM   128 N N   . PHE A 1 24 ? 3.912   7.086   -5.051  1.00 50.89  ? 91  PHE A N   1 
ATOM   129 C CA  . PHE A 1 24 ? 4.540   5.767   -4.893  1.00 46.69  ? 91  PHE A CA  1 
ATOM   130 C C   . PHE A 1 24 ? 4.098   5.102   -3.627  1.00 46.51  ? 91  PHE A C   1 
ATOM   131 O O   . PHE A 1 24 ? 3.665   5.752   -2.692  1.00 47.32  ? 91  PHE A O   1 
ATOM   132 C CB  . PHE A 1 24 ? 6.053   5.831   -4.834  1.00 48.45  ? 91  PHE A CB  1 
ATOM   133 C CG  . PHE A 1 24 ? 6.689   6.447   -6.013  1.00 48.72  ? 91  PHE A CG  1 
ATOM   134 C CD1 . PHE A 1 24 ? 7.292   5.659   -6.972  1.00 51.55  ? 91  PHE A CD1 1 
ATOM   135 C CD2 . PHE A 1 24 ? 6.751   7.831   -6.139  1.00 52.42  ? 91  PHE A CD2 1 
ATOM   136 C CE1 . PHE A 1 24 ? 7.912   6.234   -8.070  1.00 52.16  ? 91  PHE A CE1 1 
ATOM   137 C CE2 . PHE A 1 24 ? 7.369   8.424   -7.224  1.00 53.41  ? 91  PHE A CE2 1 
ATOM   138 C CZ  . PHE A 1 24 ? 7.956   7.628   -8.200  1.00 55.65  ? 91  PHE A CZ  1 
ATOM   139 N N   . ILE A 1 25 ? 4.279   3.790   -3.571  1.00 44.32  ? 92  ILE A N   1 
ATOM   140 C CA  . ILE A 1 25 ? 4.071   3.031   -2.361  1.00 45.48  ? 92  ILE A CA  1 
ATOM   141 C C   . ILE A 1 25 ? 5.335   2.210   -2.053  1.00 46.90  ? 92  ILE A C   1 
ATOM   142 O O   . ILE A 1 25 ? 6.044   1.775   -2.965  1.00 48.06  ? 92  ILE A O   1 
ATOM   143 C CB  . ILE A 1 25 ? 2.820   2.128   -2.447  1.00 46.57  ? 92  ILE A CB  1 
ATOM   144 C CG1 . ILE A 1 25 ? 2.451   1.564   -1.066  1.00 46.79  ? 92  ILE A CG1 1 
ATOM   145 C CG2 . ILE A 1 25 ? 2.994   1.054   -3.525  1.00 40.14  ? 92  ILE A CG2 1 
ATOM   146 C CD1 . ILE A 1 25 ? 1.139   0.730   -1.034  1.00 44.10  ? 92  ILE A CD1 1 
ATOM   147 N N   . SER A 1 26 ? 5.640   2.102   -0.762  1.00 49.43  ? 93  SER A N   1 
ATOM   148 C CA  . SER A 1 26 ? 6.618   1.185   -0.225  1.00 46.38  ? 93  SER A CA  1 
ATOM   149 C C   . SER A 1 26 ? 5.998   0.586   1.037   1.00 47.87  ? 93  SER A C   1 
ATOM   150 O O   . SER A 1 26 ? 4.976   1.068   1.535   1.00 42.51  ? 93  SER A O   1 
ATOM   151 C CB  . SER A 1 26 ? 7.950   1.904   0.049   1.00 47.21  ? 93  SER A CB  1 
ATOM   152 O OG  . SER A 1 26 ? 8.908   0.954   0.491   1.00 54.57  ? 93  SER A OG  1 
ATOM   153 N N   . GLY A 1 27 ? 6.580   -0.490  1.554   1.00 47.17  ? 94  GLY A N   1 
ATOM   154 C CA  . GLY A 1 27 ? 6.056   -1.094  2.748   1.00 45.09  ? 94  GLY A CA  1 
ATOM   155 C C   . GLY A 1 27 ? 6.873   -2.270  3.272   1.00 48.26  ? 94  GLY A C   1 
ATOM   156 O O   . GLY A 1 27 ? 7.935   -2.599  2.736   1.00 46.00  ? 94  GLY A O   1 
ATOM   157 N N   . SER A 1 28 ? 6.384   -2.856  4.354   1.00 46.62  ? 95  SER A N   1 
ATOM   158 C CA  . SER A 1 28 ? 7.016   -3.988  5.011   1.00 47.51  ? 95  SER A CA  1 
ATOM   159 C C   . SER A 1 28 ? 7.094   -5.219  4.103   1.00 49.11  ? 95  SER A C   1 
ATOM   160 O O   . SER A 1 28 ? 7.926   -6.079  4.306   1.00 47.44  ? 95  SER A O   1 
ATOM   161 C CB  . SER A 1 28 ? 6.230   -4.325  6.278   1.00 48.28  ? 95  SER A CB  1 
ATOM   162 O OG  . SER A 1 28 ? 4.907   -4.734  5.960   1.00 48.36  ? 95  SER A OG  1 
ATOM   163 N N   . PHE A 1 29 ? 6.214   -5.293  3.103   1.00 49.51  ? 96  PHE A N   1 
ATOM   164 C CA  . PHE A 1 29 ? 6.183   -6.407  2.178   1.00 49.39  ? 96  PHE A CA  1 
ATOM   165 C C   . PHE A 1 29 ? 7.474   -6.519  1.387   1.00 50.74  ? 96  PHE A C   1 
ATOM   166 O O   . PHE A 1 29 ? 7.880   -7.620  1.109   1.00 56.25  ? 96  PHE A O   1 
ATOM   167 C CB  . PHE A 1 29 ? 4.971   -6.327  1.241   1.00 46.96  ? 96  PHE A CB  1 
ATOM   168 C CG  . PHE A 1 29 ? 4.834   -5.008  0.547   1.00 44.04  ? 96  PHE A CG  1 
ATOM   169 C CD1 . PHE A 1 29 ? 5.522   -4.755  -0.643  1.00 43.56  ? 96  PHE A CD1 1 
ATOM   170 C CD2 . PHE A 1 29 ? 4.021   -4.006  1.086   1.00 42.94  ? 96  PHE A CD2 1 
ATOM   171 C CE1 . PHE A 1 29 ? 5.418   -3.540  -1.273  1.00 45.68  ? 96  PHE A CE1 1 
ATOM   172 C CE2 . PHE A 1 29 ? 3.923   -2.782  0.453   1.00 40.86  ? 96  PHE A CE2 1 
ATOM   173 C CZ  . PHE A 1 29 ? 4.592   -2.558  -0.722  1.00 45.39  ? 96  PHE A CZ  1 
ATOM   174 N N   . ASN A 1 30 ? 8.124   -5.407  1.035   1.00 50.96  ? 97  ASN A N   1 
ATOM   175 C CA  . ASN A 1 30 ? 9.473   -5.473  0.476   1.00 50.68  ? 97  ASN A CA  1 
ATOM   176 C C   . ASN A 1 30 ? 10.581  -4.933  1.412   1.00 48.83  ? 97  ASN A C   1 
ATOM   177 O O   . ASN A 1 30 ? 11.651  -4.542  0.950   1.00 48.38  ? 97  ASN A O   1 
ATOM   178 C CB  . ASN A 1 30 ? 9.525   -4.814  -0.902  1.00 51.34  ? 97  ASN A CB  1 
ATOM   179 C CG  . ASN A 1 30 ? 9.374   -3.292  -0.837  1.00 54.34  ? 97  ASN A CG  1 
ATOM   180 O OD1 . ASN A 1 30 ? 9.547   -2.687  0.225   1.00 57.44  ? 97  ASN A OD1 1 
ATOM   181 N ND2 . ASN A 1 30 ? 9.082   -2.669  -1.982  1.00 52.23  ? 97  ASN A ND2 1 
ATOM   182 N N   . ASN A 1 31 ? 10.315  -4.911  2.719   1.00 49.48  ? 98  ASN A N   1 
ATOM   183 C CA  . ASN A 1 31 ? 11.258  -4.361  3.731   1.00 49.74  ? 98  ASN A CA  1 
ATOM   184 C C   . ASN A 1 31 ? 11.644  -2.895  3.544   1.00 50.22  ? 98  ASN A C   1 
ATOM   185 O O   . ASN A 1 31 ? 12.757  -2.487  3.931   1.00 44.62  ? 98  ASN A O   1 
ATOM   186 C CB  . ASN A 1 31 ? 12.564  -5.185  3.857   1.00 53.33  ? 98  ASN A CB  1 
ATOM   187 C CG  . ASN A 1 31 ? 12.329  -6.661  4.178   1.00 54.44  ? 98  ASN A CG  1 
ATOM   188 O OD1 . ASN A 1 31 ? 11.671  -7.008  5.152   1.00 57.62  ? 98  ASN A OD1 1 
ATOM   189 N ND2 . ASN A 1 31 ? 12.916  -7.540  3.358   1.00 57.80  ? 98  ASN A ND2 1 
ATOM   190 N N   . TRP A 1 32 ? 10.735  -2.091  2.968   1.00 49.61  ? 99  TRP A N   1 
ATOM   191 C CA  . TRP A 1 32 ? 11.005  -0.668  2.764   1.00 49.31  ? 99  TRP A CA  1 
ATOM   192 C C   . TRP A 1 32 ? 12.281  -0.470  1.931   1.00 49.20  ? 99  TRP A C   1 
ATOM   193 O O   . TRP A 1 32 ? 13.104  0.418   2.194   1.00 47.35  ? 99  TRP A O   1 
ATOM   194 C CB  . TRP A 1 32 ? 11.111  0.052   4.120   1.00 46.21  ? 99  TRP A CB  1 
ATOM   195 C CG  . TRP A 1 32 ? 9.869   -0.109  4.976   1.00 48.22  ? 99  TRP A CG  1 
ATOM   196 C CD1 . TRP A 1 32 ? 9.690   -1.003  5.952   1.00 45.98  ? 99  TRP A CD1 1 
ATOM   197 C CD2 . TRP A 1 32 ? 8.634   0.633   4.877   1.00 46.68  ? 99  TRP A CD2 1 
ATOM   198 N NE1 . TRP A 1 32 ? 8.440   -0.880  6.504   1.00 47.40  ? 99  TRP A NE1 1 
ATOM   199 C CE2 . TRP A 1 32 ? 7.765   0.120   5.860   1.00 48.23  ? 99  TRP A CE2 1 
ATOM   200 C CE3 . TRP A 1 32 ? 8.194   1.698   4.070   1.00 49.93  ? 99  TRP A CE3 1 
ATOM   201 C CZ2 . TRP A 1 32 ? 6.462   0.634   6.075   1.00 46.87  ? 99  TRP A CZ2 1 
ATOM   202 C CZ3 . TRP A 1 32 ? 6.907   2.208   4.260   1.00 46.99  ? 99  TRP A CZ3 1 
ATOM   203 C CH2 . TRP A 1 32 ? 6.051   1.674   5.262   1.00 44.24  ? 99  TRP A CH2 1 
ATOM   204 N N   . SER A 1 33 ? 12.422  -1.318  0.914   1.00 52.47  ? 100 SER A N   1 
ATOM   205 C CA  . SER A 1 33 ? 13.630  -1.386  0.090   1.00 50.84  ? 100 SER A CA  1 
ATOM   206 C C   . SER A 1 33 ? 13.443  -0.625  -1.212  1.00 52.83  ? 100 SER A C   1 
ATOM   207 O O   . SER A 1 33 ? 14.380  0.005   -1.714  1.00 54.80  ? 100 SER A O   1 
ATOM   208 C CB  . SER A 1 33 ? 13.975  -2.838  -0.222  1.00 51.31  ? 100 SER A CB  1 
ATOM   209 O OG  . SER A 1 33 ? 12.934  -3.458  -0.969  1.00 49.84  ? 100 SER A OG  1 
ATOM   210 N N   . THR A 1 34 ? 12.232  -0.698  -1.761  1.00 53.80  ? 101 THR A N   1 
ATOM   211 C CA  . THR A 1 34 ? 11.916  -0.016  -3.017  1.00 53.47  ? 101 THR A CA  1 
ATOM   212 C C   . THR A 1 34 ? 10.519  0.624   -3.050  1.00 50.09  ? 101 THR A C   1 
ATOM   213 O O   . THR A 1 34 ? 9.582   0.154   -2.381  1.00 52.04  ? 101 THR A O   1 
ATOM   214 C CB  . THR A 1 34 ? 12.088  -0.965  -4.219  1.00 54.52  ? 101 THR A CB  1 
ATOM   215 O OG1 . THR A 1 34 ? 13.491  -1.276  -4.378  1.00 58.22  ? 101 THR A OG1 1 
ATOM   216 C CG2 . THR A 1 34 ? 11.598  -0.281  -5.494  1.00 61.66  ? 101 THR A CG2 1 
ATOM   217 N N   . LYS A 1 35 ? 10.397  1.707   -3.807  1.00 47.01  ? 102 LYS A N   1 
ATOM   218 C CA  . LYS A 1 35 ? 9.078   2.286   -4.118  1.00 47.23  ? 102 LYS A CA  1 
ATOM   219 C C   . LYS A 1 35 ? 8.475   1.918   -5.498  1.00 45.02  ? 102 LYS A C   1 
ATOM   220 O O   . LYS A 1 35 ? 9.135   1.958   -6.553  1.00 45.67  ? 102 LYS A O   1 
ATOM   221 C CB  . LYS A 1 35 ? 9.029   3.799   -3.867  1.00 46.27  ? 102 LYS A CB  1 
ATOM   222 C CG  . LYS A 1 35 ? 10.137  4.592   -4.466  1.00 50.55  ? 102 LYS A CG  1 
ATOM   223 C CD  . LYS A 1 35 ? 10.025  6.057   -4.002  1.00 54.31  ? 102 LYS A CD  1 
ATOM   224 C CE  . LYS A 1 35 ? 10.784  7.026   -4.932  1.00 56.33  ? 102 LYS A CE  1 
ATOM   225 N NZ  . LYS A 1 35 ? 12.249  7.137   -4.640  1.00 58.50  ? 102 LYS A NZ  1 
ATOM   226 N N   . ILE A 1 36 ? 7.208   1.551   -5.441  1.00 45.07  ? 103 ILE A N   1 
ATOM   227 C CA  . ILE A 1 36 ? 6.428   1.164   -6.606  1.00 45.82  ? 103 ILE A CA  1 
ATOM   228 C C   . ILE A 1 36 ? 5.503   2.329   -7.053  1.00 45.90  ? 103 ILE A C   1 
ATOM   229 O O   . ILE A 1 36 ? 4.742   2.850   -6.263  1.00 43.86  ? 103 ILE A O   1 
ATOM   230 C CB  . ILE A 1 36 ? 5.639   -0.077  -6.262  1.00 44.99  ? 103 ILE A CB  1 
ATOM   231 C CG1 . ILE A 1 36 ? 6.612   -1.159  -5.749  1.00 46.73  ? 103 ILE A CG1 1 
ATOM   232 C CG2 . ILE A 1 36 ? 4.783   -0.563  -7.488  1.00 49.75  ? 103 ILE A CG2 1 
ATOM   233 C CD1 . ILE A 1 36 ? 5.936   -2.257  -4.913  1.00 48.63  ? 103 ILE A CD1 1 
ATOM   234 N N   . PRO A 1 37 ? 5.586   2.746   -8.328  1.00 48.48  ? 104 PRO A N   1 
ATOM   235 C CA  . PRO A 1 37 ? 4.751   3.853   -8.820  1.00 47.80  ? 104 PRO A CA  1 
ATOM   236 C C   . PRO A 1 37 ? 3.248   3.521   -8.840  1.00 48.12  ? 104 PRO A C   1 
ATOM   237 O O   . PRO A 1 37 ? 2.855   2.374   -9.109  1.00 49.07  ? 104 PRO A O   1 
ATOM   238 C CB  . PRO A 1 37 ? 5.250   4.053   -10.248 1.00 49.24  ? 104 PRO A CB  1 
ATOM   239 C CG  . PRO A 1 37 ? 6.559   3.313   -10.335 1.00 50.57  ? 104 PRO A CG  1 
ATOM   240 C CD  . PRO A 1 37 ? 6.447   2.192   -9.384  1.00 48.92  ? 104 PRO A CD  1 
ATOM   241 N N   . LEU A 1 38 ? 2.408   4.503   -8.527  1.00 46.53  ? 105 LEU A N   1 
ATOM   242 C CA  . LEU A 1 38 ? 0.961   4.351   -8.684  1.00 46.28  ? 105 LEU A CA  1 
ATOM   243 C C   . LEU A 1 38 ? 0.501   5.117   -9.938  1.00 48.13  ? 105 LEU A C   1 
ATOM   244 O O   . LEU A 1 38 ? 0.875   6.274   -10.143 1.00 48.80  ? 105 LEU A O   1 
ATOM   245 C CB  . LEU A 1 38 ? 0.205   4.835   -7.439  1.00 44.77  ? 105 LEU A CB  1 
ATOM   246 C CG  . LEU A 1 38 ? 0.021   3.898   -6.239  1.00 44.53  ? 105 LEU A CG  1 
ATOM   247 C CD1 . LEU A 1 38 ? 1.299   3.807   -5.418  1.00 42.56  ? 105 LEU A CD1 1 
ATOM   248 C CD2 . LEU A 1 38 ? -1.162  4.332   -5.384  1.00 41.40  ? 105 LEU A CD2 1 
ATOM   249 N N   . ILE A 1 39 ? -0.324  4.452   -10.756 1.00 50.99  ? 106 ILE A N   1 
ATOM   250 C CA  . ILE A 1 39 ? -0.808  4.961   -12.055 1.00 49.29  ? 106 ILE A CA  1 
ATOM   251 C C   . ILE A 1 39 ? -1.985  5.918   -11.877 1.00 47.59  ? 106 ILE A C   1 
ATOM   252 O O   . ILE A 1 39 ? -2.972  5.589   -11.230 1.00 45.94  ? 106 ILE A O   1 
ATOM   253 C CB  . ILE A 1 39 ? -1.240  3.780   -13.016 1.00 50.75  ? 106 ILE A CB  1 
ATOM   254 C CG1 . ILE A 1 39 ? -0.223  2.616   -13.000 1.00 51.18  ? 106 ILE A CG1 1 
ATOM   255 C CG2 . ILE A 1 39 ? -1.555  4.279   -14.458 1.00 49.46  ? 106 ILE A CG2 1 
ATOM   256 C CD1 . ILE A 1 39 ? 1.183   2.966   -13.430 1.00 47.91  ? 106 ILE A CD1 1 
ATOM   257 N N   . LYS A 1 40 ? -1.861  7.103   -12.470 1.00 49.24  ? 107 LYS A N   1 
ATOM   258 C CA  . LYS A 1 40 ? -2.915  8.117   -12.481 1.00 50.23  ? 107 LYS A CA  1 
ATOM   259 C C   . LYS A 1 40 ? -4.161  7.669   -13.257 1.00 50.61  ? 107 LYS A C   1 
ATOM   260 O O   . LYS A 1 40 ? -4.041  7.009   -14.294 1.00 48.48  ? 107 LYS A O   1 
ATOM   261 C CB  . LYS A 1 40 ? -2.350  9.416   -13.039 1.00 50.97  ? 107 LYS A CB  1 
ATOM   262 C CG  . LYS A 1 40 ? -0.905  9.261   -13.548 1.00 51.62  ? 107 LYS A CG  1 
ATOM   263 C CD  . LYS A 1 40 ? -0.267  10.620  -13.927 1.00 55.29  ? 107 LYS A CD  1 
ATOM   264 C CE  . LYS A 1 40 ? 0.187   11.473  -12.713 1.00 55.99  ? 107 LYS A CE  1 
ATOM   265 N NZ  . LYS A 1 40 ? 0.118   12.964  -12.992 1.00 53.95  ? 107 LYS A NZ  1 
ATOM   266 N N   . SER A 1 41 ? -5.339  7.991   -12.709 1.00 51.77  ? 108 SER A N   1 
ATOM   267 C CA  . SER A 1 41 ? -6.648  7.739   -13.337 1.00 54.59  ? 108 SER A CA  1 
ATOM   268 C C   . SER A 1 41 ? -7.817  8.483   -12.672 1.00 55.39  ? 108 SER A C   1 
ATOM   269 O O   . SER A 1 41 ? -8.384  7.982   -11.691 1.00 53.28  ? 108 SER A O   1 
ATOM   270 C CB  . SER A 1 41 ? -6.958  6.244   -13.360 1.00 54.71  ? 108 SER A CB  1 
ATOM   271 O OG  . SER A 1 41 ? -6.018  5.578   -14.177 1.00 57.44  ? 108 SER A OG  1 
ATOM   272 N N   . HIS A 1 42 ? -8.172  9.654   -13.232 1.00 57.68  ? 109 HIS A N   1 
ATOM   273 C CA  . HIS A 1 42 ? -9.327  10.507  -12.807 1.00 59.05  ? 109 HIS A CA  1 
ATOM   274 C C   . HIS A 1 42 ? -9.320  10.993  -11.347 1.00 58.80  ? 109 HIS A C   1 
ATOM   275 O O   . HIS A 1 42 ? -10.167 10.574  -10.529 1.00 57.18  ? 109 HIS A O   1 
ATOM   276 C CB  . HIS A 1 42 ? -10.691 9.853   -13.107 1.00 60.03  ? 109 HIS A CB  1 
ATOM   277 C CG  . HIS A 1 42 ? -10.855 9.397   -14.523 1.00 62.92  ? 109 HIS A CG  1 
ATOM   278 N ND1 . HIS A 1 42 ? -11.085 10.271  -15.564 1.00 63.19  ? 109 HIS A ND1 1 
ATOM   279 C CD2 . HIS A 1 42 ? -10.841 8.156   -15.064 1.00 62.92  ? 109 HIS A CD2 1 
ATOM   280 C CE1 . HIS A 1 42 ? -11.191 9.587   -16.689 1.00 63.20  ? 109 HIS A CE1 1 
ATOM   281 N NE2 . HIS A 1 42 ? -11.046 8.302   -16.413 1.00 63.41  ? 109 HIS A NE2 1 
ATOM   282 N N   . ASN A 1 43 ? -8.398  11.912  -11.051 1.00 58.66  ? 110 ASN A N   1 
ATOM   283 C CA  . ASN A 1 43 ? -8.160  12.431  -9.687  1.00 58.87  ? 110 ASN A CA  1 
ATOM   284 C C   . ASN A 1 43 ? -7.335  11.444  -8.830  1.00 58.42  ? 110 ASN A C   1 
ATOM   285 O O   . ASN A 1 43 ? -6.912  11.799  -7.720  1.00 57.55  ? 110 ASN A O   1 
ATOM   286 C CB  . ASN A 1 43 ? -9.475  12.771  -8.937  1.00 58.13  ? 110 ASN A CB  1 
ATOM   287 C CG  . ASN A 1 43 ? -10.507 13.505  -9.805  1.00 58.40  ? 110 ASN A CG  1 
ATOM   288 O OD1 . ASN A 1 43 ? -10.198 13.990  -10.892 1.00 57.32  ? 110 ASN A OD1 1 
ATOM   289 N ND2 . ASN A 1 43 ? -11.746 13.573  -9.316  1.00 53.93  ? 110 ASN A ND2 1 
ATOM   290 N N   . ASP A 1 44 ? -7.111  10.234  -9.364  1.00 57.39  ? 111 ASP A N   1 
ATOM   291 C CA  . ASP A 1 44 ? -6.725  9.059   -8.575  1.00 56.47  ? 111 ASP A CA  1 
ATOM   292 C C   . ASP A 1 44 ? -5.475  8.385   -9.032  1.00 56.49  ? 111 ASP A C   1 
ATOM   293 O O   . ASP A 1 44 ? -5.096  8.512   -10.189 1.00 55.90  ? 111 ASP A O   1 
ATOM   294 C CB  . ASP A 1 44 ? -7.824  8.025   -8.602  1.00 56.68  ? 111 ASP A CB  1 
ATOM   295 C CG  . ASP A 1 44 ? -8.697  8.086   -7.395  1.00 57.41  ? 111 ASP A CG  1 
ATOM   296 O OD1 . ASP A 1 44 ? -8.950  9.192   -6.868  1.00 59.51  ? 111 ASP A OD1 1 
ATOM   297 O OD2 . ASP A 1 44 ? -9.147  7.014   -6.978  1.00 60.66  ? 111 ASP A OD2 1 
ATOM   298 N N   . PHE A 1 45 ? -4.850  7.655   -8.103  1.00 58.14  ? 112 PHE A N   1 
ATOM   299 C CA  . PHE A 1 45 ? -3.607  6.920   -8.356  1.00 57.77  ? 112 PHE A CA  1 
ATOM   300 C C   . PHE A 1 45 ? -3.789  5.484   -7.892  1.00 56.29  ? 112 PHE A C   1 
ATOM   301 O O   . PHE A 1 45 ? -4.270  5.242   -6.799  1.00 58.01  ? 112 PHE A O   1 
ATOM   302 C CB  . PHE A 1 45 ? -2.441  7.575   -7.624  1.00 57.10  ? 112 PHE A CB  1 
ATOM   303 C CG  . PHE A 1 45 ? -2.111  8.940   -8.125  1.00 56.78  ? 112 PHE A CG  1 
ATOM   304 C CD1 . PHE A 1 45 ? -2.849  10.061  -7.704  1.00 52.61  ? 112 PHE A CD1 1 
ATOM   305 C CD2 . PHE A 1 45 ? -1.082  9.114   -9.029  1.00 54.22  ? 112 PHE A CD2 1 
ATOM   306 C CE1 . PHE A 1 45 ? -2.544  11.323  -8.185  1.00 52.80  ? 112 PHE A CE1 1 
ATOM   307 C CE2 . PHE A 1 45 ? -0.774  10.375  -9.513  1.00 57.69  ? 112 PHE A CE2 1 
ATOM   308 C CZ  . PHE A 1 45 ? -1.511  11.477  -9.100  1.00 54.22  ? 112 PHE A CZ  1 
ATOM   309 N N   . VAL A 1 46 ? -3.456  4.523   -8.747  1.00 56.65  ? 113 VAL A N   1 
ATOM   310 C CA  . VAL A 1 46 ? -3.702  3.141   -8.377  1.00 55.54  ? 113 VAL A CA  1 
ATOM   311 C C   . VAL A 1 46 ? -2.575  2.202   -8.785  1.00 54.49  ? 113 VAL A C   1 
ATOM   312 O O   . VAL A 1 46 ? -1.806  2.435   -9.723  1.00 53.22  ? 113 VAL A O   1 
ATOM   313 C CB  . VAL A 1 46 ? -5.157  2.570   -8.767  1.00 56.95  ? 113 VAL A CB  1 
ATOM   314 C CG1 . VAL A 1 46 ? -6.193  3.682   -9.039  1.00 55.53  ? 113 VAL A CG1 1 
ATOM   315 C CG2 . VAL A 1 46 ? -5.088  1.610   -9.893  1.00 57.85  ? 113 VAL A CG2 1 
ATOM   316 N N   . ALA A 1 47 ? -2.454  1.146   -8.000  1.00 55.02  ? 114 ALA A N   1 
ATOM   317 C CA  . ALA A 1 47 ? -1.513  0.119   -8.319  1.00 54.25  ? 114 ALA A CA  1 
ATOM   318 C C   . ALA A 1 47 ? -2.136  -1.174  -7.904  1.00 51.13  ? 114 ALA A C   1 
ATOM   319 O O   . ALA A 1 47 ? -3.086  -1.210  -7.083  1.00 52.49  ? 114 ALA A O   1 
ATOM   320 C CB  . ALA A 1 47 ? -0.135  0.349   -7.586  1.00 53.74  ? 114 ALA A CB  1 
ATOM   321 N N   . ILE A 1 48 ? -1.596  -2.246  -8.463  1.00 52.56  ? 115 ILE A N   1 
ATOM   322 C CA  . ILE A 1 48 ? -2.026  -3.572  -8.050  1.00 53.46  ? 115 ILE A CA  1 
ATOM   323 C C   . ILE A 1 48 ? -0.811  -4.355  -7.541  1.00 54.79  ? 115 ILE A C   1 
ATOM   324 O O   . ILE A 1 48 ? 0.217   -4.458  -8.213  1.00 52.65  ? 115 ILE A O   1 
ATOM   325 C CB  . ILE A 1 48 ? -2.771  -4.318  -9.180  1.00 51.10  ? 115 ILE A CB  1 
ATOM   326 C CG1 . ILE A 1 48 ? -4.051  -3.554  -9.515  1.00 50.57  ? 115 ILE A CG1 1 
ATOM   327 C CG2 . ILE A 1 48 ? -3.027  -5.718  -8.744  1.00 44.61  ? 115 ILE A CG2 1 
ATOM   328 C CD1 . ILE A 1 48 ? -5.015  -4.242  -10.485 1.00 54.85  ? 115 ILE A CD1 1 
ATOM   329 N N   . LEU A 1 49 ? -0.936  -4.888  -6.338  1.00 56.77  ? 116 LEU A N   1 
ATOM   330 C CA  . LEU A 1 49 ? 0.227   -5.466  -5.706  1.00 60.35  ? 116 LEU A CA  1 
ATOM   331 C C   . LEU A 1 49 ? 0.096   -6.942  -5.416  1.00 57.57  ? 116 LEU A C   1 
ATOM   332 O O   . LEU A 1 49 ? -0.884  -7.375  -4.838  1.00 57.91  ? 116 LEU A O   1 
ATOM   333 C CB  . LEU A 1 49 ? 0.569   -4.706  -4.413  1.00 59.00  ? 116 LEU A CB  1 
ATOM   334 C CG  . LEU A 1 49 ? 1.315   -3.362  -4.466  1.00 62.25  ? 116 LEU A CG  1 
ATOM   335 C CD1 . LEU A 1 49 ? 1.937   -3.145  -3.101  1.00 57.69  ? 116 LEU A CD1 1 
ATOM   336 C CD2 . LEU A 1 49 ? 2.413   -3.253  -5.556  1.00 63.01  ? 116 LEU A CD2 1 
ATOM   337 N N   . ASP A 1 50 ? 1.134   -7.689  -5.780  1.00 59.19  ? 117 ASP A N   1 
ATOM   338 C CA  . ASP A 1 50 ? 1.255   -9.089  -5.435  1.00 59.44  ? 117 ASP A CA  1 
ATOM   339 C C   . ASP A 1 50 ? 1.718   -9.288  -4.010  1.00 59.03  ? 117 ASP A C   1 
ATOM   340 O O   . ASP A 1 50 ? 2.912   -9.310  -3.732  1.00 62.62  ? 117 ASP A O   1 
ATOM   341 C CB  . ASP A 1 50 ? 2.193   -9.797  -6.423  1.00 62.36  ? 117 ASP A CB  1 
ATOM   342 C CG  . ASP A 1 50 ? 1.537   -10.029 -7.784  1.00 66.72  ? 117 ASP A CG  1 
ATOM   343 O OD1 . ASP A 1 50 ? 0.312   -10.310 -7.829  1.00 65.91  ? 117 ASP A OD1 1 
ATOM   344 O OD2 . ASP A 1 50 ? 2.250   -9.924  -8.806  1.00 74.24  ? 117 ASP A OD2 1 
ATOM   345 N N   . LEU A 1 51 ? 0.774   -9.459  -3.100  1.00 56.59  ? 118 LEU A N   1 
ATOM   346 C CA  . LEU A 1 51 ? 1.113   -9.518  -1.691  1.00 56.58  ? 118 LEU A CA  1 
ATOM   347 C C   . LEU A 1 51 ? 0.646   -10.794 -1.008  1.00 56.22  ? 118 LEU A C   1 
ATOM   348 O O   . LEU A 1 51 ? -0.521  -11.160 -1.123  1.00 55.45  ? 118 LEU A O   1 
ATOM   349 C CB  . LEU A 1 51 ? 0.471   -8.340  -0.951  1.00 55.99  ? 118 LEU A CB  1 
ATOM   350 C CG  . LEU A 1 51 ? 0.905   -6.899  -1.199  1.00 52.83  ? 118 LEU A CG  1 
ATOM   351 C CD1 . LEU A 1 51 ? -0.184  -5.987  -0.658  1.00 44.11  ? 118 LEU A CD1 1 
ATOM   352 C CD2 . LEU A 1 51 ? 2.226   -6.645  -0.508  1.00 45.74  ? 118 LEU A CD2 1 
ATOM   353 N N   . PRO A 1 52 ? 1.551   -11.461 -0.268  1.00 56.83  ? 119 PRO A N   1 
ATOM   354 C CA  . PRO A 1 52 ? 1.206   -12.661 0.487   1.00 58.25  ? 119 PRO A CA  1 
ATOM   355 C C   . PRO A 1 52 ? 0.092   -12.433 1.505   1.00 59.83  ? 119 PRO A C   1 
ATOM   356 O O   . PRO A 1 52 ? -0.056  -11.322 1.989   1.00 61.66  ? 119 PRO A O   1 
ATOM   357 C CB  . PRO A 1 52 ? 2.527   -13.036 1.184   1.00 59.94  ? 119 PRO A CB  1 
ATOM   358 C CG  . PRO A 1 52 ? 3.452   -11.827 1.021   1.00 56.22  ? 119 PRO A CG  1 
ATOM   359 C CD  . PRO A 1 52 ? 2.995   -11.153 -0.212  1.00 58.73  ? 119 PRO A CD  1 
ATOM   360 N N   . GLU A 1 53 ? -0.683  -13.468 1.816   1.00 59.45  ? 120 GLU A N   1 
ATOM   361 C CA  . GLU A 1 53 ? -1.680  -13.405 2.893   1.00 61.09  ? 120 GLU A CA  1 
ATOM   362 C C   . GLU A 1 53 ? -1.068  -12.720 4.109   1.00 59.23  ? 120 GLU A C   1 
ATOM   363 O O   . GLU A 1 53 ? 0.151   -12.758 4.313   1.00 59.95  ? 120 GLU A O   1 
ATOM   364 C CB  . GLU A 1 53 ? -2.174  -14.816 3.312   1.00 60.50  ? 120 GLU A CB  1 
ATOM   365 C CG  . GLU A 1 53 ? -2.762  -14.893 4.748   1.00 62.41  ? 120 GLU A CG  1 
ATOM   366 C CD  . GLU A 1 53 ? -3.013  -16.315 5.273   1.00 65.74  ? 120 GLU A CD  1 
ATOM   367 O OE1 . GLU A 1 53 ? -2.106  -16.908 5.907   1.00 69.20  ? 120 GLU A OE1 1 
ATOM   368 O OE2 . GLU A 1 53 ? -4.137  -16.835 5.104   1.00 67.53  ? 120 GLU A OE2 1 
ATOM   369 N N   . GLY A 1 54 ? -1.925  -12.115 4.921   1.00 55.58  ? 121 GLY A N   1 
ATOM   370 C CA  . GLY A 1 54 ? -1.492  -11.511 6.166   1.00 51.33  ? 121 GLY A CA  1 
ATOM   371 C C   . GLY A 1 54 ? -1.469  -9.997  6.105   1.00 47.10  ? 121 GLY A C   1 
ATOM   372 O O   . GLY A 1 54 ? -2.011  -9.383  5.183   1.00 43.18  ? 121 GLY A O   1 
ATOM   373 N N   . GLU A 1 55 ? -0.815  -9.423  7.103   1.00 45.75  ? 122 GLU A N   1 
ATOM   374 C CA  . GLU A 1 55 ? -0.860  -7.992  7.374   1.00 44.65  ? 122 GLU A CA  1 
ATOM   375 C C   . GLU A 1 55 ? 0.443   -7.398  6.951   1.00 42.66  ? 122 GLU A C   1 
ATOM   376 O O   . GLU A 1 55 ? 1.494   -8.048  7.072   1.00 42.12  ? 122 GLU A O   1 
ATOM   377 C CB  . GLU A 1 55 ? -1.192  -7.758  8.850   1.00 45.82  ? 122 GLU A CB  1 
ATOM   378 C CG  . GLU A 1 55 ? -2.622  -8.223  9.145   1.00 48.88  ? 122 GLU A CG  1 
ATOM   379 C CD  . GLU A 1 55 ? -3.179  -7.699  10.446  1.00 53.88  ? 122 GLU A CD  1 
ATOM   380 O OE1 . GLU A 1 55 ? -2.361  -7.248  11.281  1.00 59.18  ? 122 GLU A OE1 1 
ATOM   381 O OE2 . GLU A 1 55 ? -4.430  -7.747  10.636  1.00 51.00  ? 122 GLU A OE2 1 
ATOM   382 N N   . HIS A 1 56 ? 0.363   -6.235  6.324   1.00 38.08  ? 123 HIS A N   1 
ATOM   383 C CA  . HIS A 1 56 ? 1.516   -5.536  5.802   1.00 37.36  ? 123 HIS A CA  1 
ATOM   384 C C   . HIS A 1 56 ? 1.324   -4.066  6.201   1.00 42.57  ? 123 HIS A C   1 
ATOM   385 O O   . HIS A 1 56 ? 0.191   -3.592  6.236   1.00 38.50  ? 123 HIS A O   1 
ATOM   386 C CB  . HIS A 1 56 ? 1.558   -5.602  4.283   1.00 42.10  ? 123 HIS A CB  1 
ATOM   387 C CG  . HIS A 1 56 ? 1.591   -6.993  3.742   1.00 42.37  ? 123 HIS A CG  1 
ATOM   388 N ND1 . HIS A 1 56 ? 2.769   -7.688  3.580   1.00 43.36  ? 123 HIS A ND1 1 
ATOM   389 C CD2 . HIS A 1 56 ? 0.596   -7.828  3.353   1.00 40.06  ? 123 HIS A CD2 1 
ATOM   390 C CE1 . HIS A 1 56 ? 2.500   -8.892  3.103   1.00 43.81  ? 123 HIS A CE1 1 
ATOM   391 N NE2 . HIS A 1 56 ? 1.189   -9.009  2.977   1.00 44.74  ? 123 HIS A NE2 1 
ATOM   392 N N   . GLN A 1 57 ? 2.422   -3.398  6.566   1.00 40.37  ? 124 GLN A N   1 
ATOM   393 C CA  . GLN A 1 57 ? 2.457   -1.960  6.776   1.00 41.59  ? 124 GLN A CA  1 
ATOM   394 C C   . GLN A 1 57 ? 2.940   -1.270  5.537   1.00 39.91  ? 124 GLN A C   1 
ATOM   395 O O   . GLN A 1 57 ? 3.793   -1.793  4.806   1.00 42.02  ? 124 GLN A O   1 
ATOM   396 C CB  . GLN A 1 57 ? 3.447   -1.676  7.908   1.00 37.64  ? 124 GLN A CB  1 
ATOM   397 C CG  . GLN A 1 57 ? 2.968   -2.157  9.227   1.00 43.14  ? 124 GLN A CG  1 
ATOM   398 C CD  . GLN A 1 57 ? 3.866   -1.640  10.364  1.00 46.55  ? 124 GLN A CD  1 
ATOM   399 O OE1 . GLN A 1 57 ? 4.555   -0.622  10.218  1.00 44.31  ? 124 GLN A OE1 1 
ATOM   400 N NE2 . GLN A 1 57 ? 3.832   -2.326  11.482  1.00 40.74  ? 124 GLN A NE2 1 
ATOM   401 N N   . TYR A 1 58 ? 2.393   -0.099  5.234   1.00 38.71  ? 125 TYR A N   1 
ATOM   402 C CA  . TYR A 1 58 ? 2.818   0.579   3.972   1.00 37.60  ? 125 TYR A CA  1 
ATOM   403 C C   . TYR A 1 58 ? 2.586   2.073   4.101   1.00 35.39  ? 125 TYR A C   1 
ATOM   404 O O   . TYR A 1 58 ? 1.906   2.530   5.048   1.00 40.21  ? 125 TYR A O   1 
ATOM   405 C CB  . TYR A 1 58 ? 2.061   0.046   2.709   1.00 37.92  ? 125 TYR A CB  1 
ATOM   406 C CG  . TYR A 1 58 ? 0.586   0.316   2.692   1.00 41.88  ? 125 TYR A CG  1 
ATOM   407 C CD1 . TYR A 1 58 ? 0.020   1.372   1.943   1.00 44.33  ? 125 TYR A CD1 1 
ATOM   408 C CD2 . TYR A 1 58 ? -0.276  -0.467  3.451   1.00 41.05  ? 125 TYR A CD2 1 
ATOM   409 C CE1 . TYR A 1 58 ? -1.403  1.605   1.963   1.00 36.71  ? 125 TYR A CE1 1 
ATOM   410 C CE2 . TYR A 1 58 ? -1.638  -0.248  3.448   1.00 38.25  ? 125 TYR A CE2 1 
ATOM   411 C CZ  . TYR A 1 58 ? -2.210  0.783   2.752   1.00 40.94  ? 125 TYR A CZ  1 
ATOM   412 O OH  . TYR A 1 58 ? -3.607  0.868   2.858   1.00 41.59  ? 125 TYR A OH  1 
ATOM   413 N N   . LYS A 1 59 ? 3.201   2.808   3.180   1.00 37.37  ? 126 LYS A N   1 
ATOM   414 C CA  . LYS A 1 59 ? 3.153   4.252   3.190   1.00 39.71  ? 126 LYS A CA  1 
ATOM   415 C C   . LYS A 1 59 ? 3.403   4.730   1.813   1.00 38.70  ? 126 LYS A C   1 
ATOM   416 O O   . LYS A 1 59 ? 4.054   4.061   1.020   1.00 41.97  ? 126 LYS A O   1 
ATOM   417 C CB  . LYS A 1 59 ? 4.251   4.818   4.140   1.00 39.01  ? 126 LYS A CB  1 
ATOM   418 C CG  . LYS A 1 59 ? 3.851   6.090   4.844   1.00 39.85  ? 126 LYS A CG  1 
ATOM   419 C CD  . LYS A 1 59 ? 4.750   6.325   6.018   1.00 40.70  ? 126 LYS A CD  1 
ATOM   420 C CE  . LYS A 1 59 ? 4.712   7.802   6.427   1.00 49.36  ? 126 LYS A CE  1 
ATOM   421 N NZ  . LYS A 1 59 ? 3.975   8.058   7.695   1.00 44.01  ? 126 LYS A NZ  1 
ATOM   422 N N   . PHE A 1 60 ? 2.933   5.950   1.546   1.00 40.96  ? 127 PHE A N   1 
ATOM   423 C CA  . PHE A 1 60 ? 3.066   6.545   0.252   1.00 40.37  ? 127 PHE A CA  1 
ATOM   424 C C   . PHE A 1 60 ? 4.078   7.656   0.204   1.00 40.47  ? 127 PHE A C   1 
ATOM   425 O O   . PHE A 1 60 ? 4.208   8.458   1.142   1.00 45.76  ? 127 PHE A O   1 
ATOM   426 C CB  . PHE A 1 60 ? 1.727   7.122   -0.193  1.00 40.19  ? 127 PHE A CB  1 
ATOM   427 C CG  . PHE A 1 60 ? 0.646   6.116   -0.285  1.00 39.27  ? 127 PHE A CG  1 
ATOM   428 C CD1 . PHE A 1 60 ? 0.355   5.503   -1.538  1.00 41.64  ? 127 PHE A CD1 1 
ATOM   429 C CD2 . PHE A 1 60 ? -0.098  5.793   0.855   1.00 36.65  ? 127 PHE A CD2 1 
ATOM   430 C CE1 . PHE A 1 60 ? -0.667  4.571   -1.651  1.00 38.24  ? 127 PHE A CE1 1 
ATOM   431 C CE2 . PHE A 1 60 ? -1.126  4.859   0.774   1.00 43.54  ? 127 PHE A CE2 1 
ATOM   432 C CZ  . PHE A 1 60 ? -1.412  4.243   -0.484  1.00 42.20  ? 127 PHE A CZ  1 
ATOM   433 N N   . PHE A 1 61 ? 4.755   7.740   -0.917  1.00 41.07  ? 128 PHE A N   1 
ATOM   434 C CA  . PHE A 1 61 ? 5.625   8.872   -1.217  1.00 43.75  ? 128 PHE A CA  1 
ATOM   435 C C   . PHE A 1 61 ? 4.894   9.765   -2.261  1.00 44.44  ? 128 PHE A C   1 
ATOM   436 O O   . PHE A 1 61 ? 4.837   9.448   -3.457  1.00 45.69  ? 128 PHE A O   1 
ATOM   437 C CB  . PHE A 1 61 ? 6.989   8.356   -1.709  1.00 42.74  ? 128 PHE A CB  1 
ATOM   438 C CG  . PHE A 1 61 ? 8.067   9.397   -1.742  1.00 47.08  ? 128 PHE A CG  1 
ATOM   439 C CD1 . PHE A 1 61 ? 8.518   9.993   -0.570  1.00 47.85  ? 128 PHE A CD1 1 
ATOM   440 C CD2 . PHE A 1 61 ? 8.660   9.758   -2.948  1.00 47.88  ? 128 PHE A CD2 1 
ATOM   441 C CE1 . PHE A 1 61 ? 9.536   10.963  -0.602  1.00 48.51  ? 128 PHE A CE1 1 
ATOM   442 C CE2 . PHE A 1 61 ? 9.685   10.722  -3.003  1.00 49.33  ? 128 PHE A CE2 1 
ATOM   443 C CZ  . PHE A 1 61 ? 10.121  11.323  -1.827  1.00 50.01  ? 128 PHE A CZ  1 
ATOM   444 N N   . VAL A 1 62 ? 4.326   10.872  -1.787  1.00 45.10  ? 129 VAL A N   1 
ATOM   445 C CA  . VAL A 1 62 ? 3.485   11.757  -2.605  1.00 44.93  ? 129 VAL A CA  1 
ATOM   446 C C   . VAL A 1 62 ? 4.119   13.150  -2.759  1.00 47.18  ? 129 VAL A C   1 
ATOM   447 O O   . VAL A 1 62 ? 4.310   13.879  -1.768  1.00 44.64  ? 129 VAL A O   1 
ATOM   448 C CB  . VAL A 1 62 ? 2.073   11.926  -1.976  1.00 45.56  ? 129 VAL A CB  1 
ATOM   449 C CG1 . VAL A 1 62 ? 1.122   12.726  -2.904  1.00 40.11  ? 129 VAL A CG1 1 
ATOM   450 C CG2 . VAL A 1 62 ? 1.472   10.574  -1.564  1.00 45.48  ? 129 VAL A CG2 1 
ATOM   451 N N   . ASP A 1 63 ? 4.426   13.509  -4.005  1.00 46.50  ? 130 ASP A N   1 
ATOM   452 C CA  . ASP A 1 63 ? 5.090   14.773  -4.331  1.00 50.57  ? 130 ASP A CA  1 
ATOM   453 C C   . ASP A 1 63 ? 6.268   15.044  -3.380  1.00 52.53  ? 130 ASP A C   1 
ATOM   454 O O   . ASP A 1 63 ? 6.424   16.159  -2.874  1.00 50.64  ? 130 ASP A O   1 
ATOM   455 C CB  . ASP A 1 63 ? 4.093   15.954  -4.357  1.00 49.52  ? 130 ASP A CB  1 
ATOM   456 C CG  . ASP A 1 63 ? 2.904   15.710  -5.289  1.00 49.90  ? 130 ASP A CG  1 
ATOM   457 O OD1 . ASP A 1 63 ? 3.093   15.147  -6.387  1.00 48.97  ? 130 ASP A OD1 1 
ATOM   458 O OD2 . ASP A 1 63 ? 1.769   16.078  -4.918  1.00 53.79  ? 130 ASP A OD2 1 
ATOM   459 N N   . GLY A 1 64 ? 7.062   13.996  -3.128  1.00 53.87  ? 131 GLY A N   1 
ATOM   460 C CA  . GLY A 1 64 ? 8.306   14.110  -2.368  1.00 56.61  ? 131 GLY A CA  1 
ATOM   461 C C   . GLY A 1 64 ? 8.204   13.968  -0.859  1.00 58.31  ? 131 GLY A C   1 
ATOM   462 O O   . GLY A 1 64 ? 9.176   14.211  -0.149  1.00 59.58  ? 131 GLY A O   1 
ATOM   463 N N   . GLN A 1 65 ? 7.037   13.555  -0.361  1.00 58.09  ? 132 GLN A N   1 
ATOM   464 C CA  . GLN A 1 65 ? 6.791   13.463  1.070   1.00 56.68  ? 132 GLN A CA  1 
ATOM   465 C C   . GLN A 1 65 ? 6.201   12.122  1.405   1.00 55.14  ? 132 GLN A C   1 
ATOM   466 O O   . GLN A 1 65 ? 5.274   11.689  0.742   1.00 55.88  ? 132 GLN A O   1 
ATOM   467 C CB  . GLN A 1 65 ? 5.771   14.511  1.487   1.00 58.15  ? 132 GLN A CB  1 
ATOM   468 C CG  . GLN A 1 65 ? 6.102   15.901  1.033   1.00 61.20  ? 132 GLN A CG  1 
ATOM   469 C CD  . GLN A 1 65 ? 6.775   16.690  2.113   1.00 67.62  ? 132 GLN A CD  1 
ATOM   470 O OE1 . GLN A 1 65 ? 6.136   17.058  3.105   1.00 71.86  ? 132 GLN A OE1 1 
ATOM   471 N NE2 . GLN A 1 65 ? 8.070   16.960  1.943   1.00 66.96  ? 132 GLN A NE2 1 
ATOM   472 N N   . TRP A 1 66 ? 6.716   11.493  2.459   1.00 54.45  ? 133 TRP A N   1 
ATOM   473 C CA  . TRP A 1 66 ? 6.155   10.272  3.000   1.00 53.63  ? 133 TRP A CA  1 
ATOM   474 C C   . TRP A 1 66 ? 4.891   10.529  3.761   1.00 56.84  ? 133 TRP A C   1 
ATOM   475 O O   . TRP A 1 66 ? 4.902   11.260  4.767   1.00 57.58  ? 133 TRP A O   1 
ATOM   476 C CB  . TRP A 1 66 ? 7.170   9.584   3.885   1.00 53.68  ? 133 TRP A CB  1 
ATOM   477 C CG  . TRP A 1 66 ? 8.230   8.905   3.049   1.00 56.20  ? 133 TRP A CG  1 
ATOM   478 C CD1 . TRP A 1 66 ? 9.503   9.352   2.790   1.00 58.38  ? 133 TRP A CD1 1 
ATOM   479 C CD2 . TRP A 1 66 ? 8.079   7.681   2.322   1.00 59.12  ? 133 TRP A CD2 1 
ATOM   480 N NE1 . TRP A 1 66 ? 10.155  8.468   1.973   1.00 57.69  ? 133 TRP A NE1 1 
ATOM   481 C CE2 . TRP A 1 66 ? 9.305   7.434   1.665   1.00 55.65  ? 133 TRP A CE2 1 
ATOM   482 C CE3 . TRP A 1 66 ? 7.015   6.763   2.162   1.00 54.99  ? 133 TRP A CE3 1 
ATOM   483 C CZ2 . TRP A 1 66 ? 9.512   6.312   0.878   1.00 54.28  ? 133 TRP A CZ2 1 
ATOM   484 C CZ3 . TRP A 1 66 ? 7.227   5.646   1.368   1.00 57.33  ? 133 TRP A CZ3 1 
ATOM   485 C CH2 . TRP A 1 66 ? 8.470   5.429   0.751   1.00 55.23  ? 133 TRP A CH2 1 
ATOM   486 N N   . VAL A 1 67 ? 3.792   9.929   3.295   1.00 53.88  ? 134 VAL A N   1 
ATOM   487 C CA  . VAL A 1 67 ? 2.490   10.215  3.862   1.00 54.62  ? 134 VAL A CA  1 
ATOM   488 C C   . VAL A 1 67 ? 1.613   8.961   3.924   1.00 54.55  ? 134 VAL A C   1 
ATOM   489 O O   . VAL A 1 67 ? 1.808   8.050   3.151   1.00 57.76  ? 134 VAL A O   1 
ATOM   490 C CB  . VAL A 1 67 ? 1.818   11.391  3.094   1.00 53.93  ? 134 VAL A CB  1 
ATOM   491 C CG1 . VAL A 1 67 ? 1.527   11.030  1.636   1.00 56.89  ? 134 VAL A CG1 1 
ATOM   492 C CG2 . VAL A 1 67 ? 0.580   11.850  3.791   1.00 60.44  ? 134 VAL A CG2 1 
ATOM   493 N N   . HIS A 1 68 ? 0.697   8.902   4.879   1.00 52.43  ? 135 HIS A N   1 
ATOM   494 C CA  . HIS A 1 68 ? -0.251  7.822   4.965   1.00 55.03  ? 135 HIS A CA  1 
ATOM   495 C C   . HIS A 1 68 ? -1.648  8.219   4.414   1.00 55.75  ? 135 HIS A C   1 
ATOM   496 O O   . HIS A 1 68 ? -1.987  9.402   4.293   1.00 51.53  ? 135 HIS A O   1 
ATOM   497 C CB  . HIS A 1 68 ? -0.386  7.302   6.400   1.00 54.48  ? 135 HIS A CB  1 
ATOM   498 C CG  . HIS A 1 68 ? -1.140  8.218   7.331   1.00 60.08  ? 135 HIS A CG  1 
ATOM   499 N ND1 . HIS A 1 68 ? -0.519  9.202   8.077   1.00 59.36  ? 135 HIS A ND1 1 
ATOM   500 C CD2 . HIS A 1 68 ? -2.445  8.250   7.688   1.00 57.21  ? 135 HIS A CD2 1 
ATOM   501 C CE1 . HIS A 1 68 ? -1.416  9.826   8.816   1.00 55.65  ? 135 HIS A CE1 1 
ATOM   502 N NE2 . HIS A 1 68 ? -2.592  9.270   8.597   1.00 61.80  ? 135 HIS A NE2 1 
ATOM   503 N N   . ASP A 1 69 ? -2.446  7.206   4.108   1.00 50.47  ? 136 ASP A N   1 
ATOM   504 C CA  . ASP A 1 69 ? -3.799  7.411   3.655   1.00 51.28  ? 136 ASP A CA  1 
ATOM   505 C C   . ASP A 1 69 ? -4.682  7.572   4.890   1.00 53.09  ? 136 ASP A C   1 
ATOM   506 O O   . ASP A 1 69 ? -4.820  6.646   5.702   1.00 52.66  ? 136 ASP A O   1 
ATOM   507 C CB  . ASP A 1 69 ? -4.191  6.200   2.819   1.00 51.93  ? 136 ASP A CB  1 
ATOM   508 C CG  . ASP A 1 69 ? -5.568  6.336   2.131   1.00 55.93  ? 136 ASP A CG  1 
ATOM   509 O OD1 . ASP A 1 69 ? -6.339  7.301   2.373   1.00 59.65  ? 136 ASP A OD1 1 
ATOM   510 O OD2 . ASP A 1 69 ? -5.854  5.415   1.346   1.00 53.32  ? 136 ASP A OD2 1 
ATOM   511 N N   . PRO A 1 70 ? -5.288  8.757   5.064   1.00 51.26  ? 137 PRO A N   1 
ATOM   512 C CA  . PRO A 1 70 ? -6.148  8.927   6.235   1.00 53.52  ? 137 PRO A CA  1 
ATOM   513 C C   . PRO A 1 70 ? -7.464  8.128   6.161   1.00 54.18  ? 137 PRO A C   1 
ATOM   514 O O   . PRO A 1 70 ? -8.198  8.080   7.135   1.00 52.81  ? 137 PRO A O   1 
ATOM   515 C CB  . PRO A 1 70 ? -6.440  10.441  6.239   1.00 55.12  ? 137 PRO A CB  1 
ATOM   516 C CG  . PRO A 1 70 ? -6.356  10.819  4.772   1.00 52.86  ? 137 PRO A CG  1 
ATOM   517 C CD  . PRO A 1 70 ? -5.213  9.976   4.239   1.00 52.72  ? 137 PRO A CD  1 
ATOM   518 N N   . SER A 1 71 ? -7.782  7.528   5.021   1.00 56.88  ? 138 SER A N   1 
ATOM   519 C CA  . SER A 1 71 ? -9.038  6.767   4.926   1.00 58.03  ? 138 SER A CA  1 
ATOM   520 C C   . SER A 1 71 ? -8.869  5.243   5.217   1.00 58.44  ? 138 SER A C   1 
ATOM   521 O O   . SER A 1 71 ? -9.867  4.496   5.313   1.00 53.74  ? 138 SER A O   1 
ATOM   522 C CB  . SER A 1 71 ? -9.677  6.987   3.561   1.00 57.89  ? 138 SER A CB  1 
ATOM   523 O OG  . SER A 1 71 ? -9.052  6.225   2.548   1.00 64.74  ? 138 SER A OG  1 
ATOM   524 N N   . GLU A 1 72 ? -7.617  4.809   5.388   1.00 54.70  ? 139 GLU A N   1 
ATOM   525 C CA  . GLU A 1 72 ? -7.292  3.407   5.680   1.00 53.33  ? 139 GLU A CA  1 
ATOM   526 C C   . GLU A 1 72 ? -6.739  3.249   7.105   1.00 54.08  ? 139 GLU A C   1 
ATOM   527 O O   . GLU A 1 72 ? -6.287  4.238   7.712   1.00 49.97  ? 139 GLU A O   1 
ATOM   528 C CB  . GLU A 1 72 ? -6.281  2.912   4.657   1.00 56.01  ? 139 GLU A CB  1 
ATOM   529 C CG  . GLU A 1 72 ? -6.814  2.880   3.213   1.00 57.91  ? 139 GLU A CG  1 
ATOM   530 C CD  . GLU A 1 72 ? -7.914  1.847   3.017   1.00 62.85  ? 139 GLU A CD  1 
ATOM   531 O OE1 . GLU A 1 72 ? -7.787  0.737   3.595   1.00 62.05  ? 139 GLU A OE1 1 
ATOM   532 O OE2 . GLU A 1 72 ? -8.886  2.142   2.277   1.00 57.62  ? 139 GLU A OE2 1 
ATOM   533 N N   . PRO A 1 73 ? -6.803  2.017   7.675   1.00 49.98  ? 140 PRO A N   1 
ATOM   534 C CA  . PRO A 1 73 ? -6.321  1.885   9.045   1.00 44.89  ? 140 PRO A CA  1 
ATOM   535 C C   . PRO A 1 73 ? -4.814  2.206   9.172   1.00 42.39  ? 140 PRO A C   1 
ATOM   536 O O   . PRO A 1 73 ? -4.063  2.142   8.209   1.00 39.47  ? 140 PRO A O   1 
ATOM   537 C CB  . PRO A 1 73 ? -6.621  0.402   9.386   1.00 47.16  ? 140 PRO A CB  1 
ATOM   538 C CG  . PRO A 1 73 ? -7.683  0.018   8.386   1.00 45.64  ? 140 PRO A CG  1 
ATOM   539 C CD  . PRO A 1 73 ? -7.297  0.725   7.145   1.00 47.65  ? 140 PRO A CD  1 
ATOM   540 N N   . VAL A 1 74 ? -4.400  2.571   10.370  1.00 45.17  ? 141 VAL A N   1 
ATOM   541 C CA  . VAL A 1 74 ? -3.017  2.909   10.607  1.00 44.84  ? 141 VAL A CA  1 
ATOM   542 C C   . VAL A 1 74 ? -2.493  2.201   11.837  1.00 43.95  ? 141 VAL A C   1 
ATOM   543 O O   . VAL A 1 74 ? -3.242  1.832   12.739  1.00 42.96  ? 141 VAL A O   1 
ATOM   544 C CB  . VAL A 1 74 ? -2.808  4.440   10.802  1.00 43.70  ? 141 VAL A CB  1 
ATOM   545 C CG1 . VAL A 1 74 ? -2.848  5.162   9.472   1.00 42.98  ? 141 VAL A CG1 1 
ATOM   546 C CG2 . VAL A 1 74 ? -3.836  4.989   11.718  1.00 47.38  ? 141 VAL A CG2 1 
ATOM   547 N N   . VAL A 1 75 ? -1.172  2.144   11.917  1.00 42.75  ? 142 VAL A N   1 
ATOM   548 C CA  . VAL A 1 75 ? -0.504  1.493   12.993  1.00 44.88  ? 142 VAL A CA  1 
ATOM   549 C C   . VAL A 1 75 ? 0.840   2.258   13.248  1.00 45.03  ? 142 VAL A C   1 
ATOM   550 O O   . VAL A 1 75 ? 1.336   2.943   12.355  1.00 44.57  ? 142 VAL A O   1 
ATOM   551 C CB  . VAL A 1 75 ? -0.328  0.041   12.575  1.00 42.88  ? 142 VAL A CB  1 
ATOM   552 C CG1 . VAL A 1 75 ? 1.051   -0.226  11.986  1.00 46.09  ? 142 VAL A CG1 1 
ATOM   553 C CG2 . VAL A 1 75 ? -0.743  -0.907  13.672  1.00 47.06  ? 142 VAL A CG2 1 
ATOM   554 N N   . THR A 1 76 ? 1.397   2.146   14.453  1.00 46.12  ? 143 THR A N   1 
ATOM   555 C CA  . THR A 1 76 ? 2.737   2.710   14.767  1.00 45.56  ? 143 THR A CA  1 
ATOM   556 C C   . THR A 1 76 ? 3.837   1.634   14.640  1.00 46.47  ? 143 THR A C   1 
ATOM   557 O O   . THR A 1 76 ? 3.766   0.579   15.301  1.00 44.56  ? 143 THR A O   1 
ATOM   558 C CB  . THR A 1 76 ? 2.741   3.352   16.202  1.00 46.98  ? 143 THR A CB  1 
ATOM   559 O OG1 . THR A 1 76 ? 1.663   4.291   16.323  1.00 38.88  ? 143 THR A OG1 1 
ATOM   560 C CG2 . THR A 1 76 ? 4.069   4.073   16.499  1.00 46.76  ? 143 THR A CG2 1 
ATOM   561 N N   . SER A 1 77 ? 4.835   1.882   13.790  1.00 46.26  ? 144 SER A N   1 
ATOM   562 C CA  . SER A 1 77 ? 5.927   0.901   13.602  1.00 49.15  ? 144 SER A CA  1 
ATOM   563 C C   . SER A 1 77 ? 6.846   0.754   14.838  1.00 49.19  ? 144 SER A C   1 
ATOM   564 O O   . SER A 1 77 ? 6.676   1.477   15.835  1.00 43.50  ? 144 SER A O   1 
ATOM   565 C CB  . SER A 1 77 ? 6.736   1.142   12.309  1.00 50.56  ? 144 SER A CB  1 
ATOM   566 O OG  . SER A 1 77 ? 7.712   2.163   12.430  1.00 52.43  ? 144 SER A OG  1 
ATOM   567 N N   . GLN A 1 78 ? 7.750   -0.233  14.765  1.00 50.36  ? 145 GLN A N   1 
ATOM   568 C CA  . GLN A 1 78 ? 8.817   -0.432  15.755  1.00 53.42  ? 145 GLN A CA  1 
ATOM   569 C C   . GLN A 1 78 ? 9.722   0.792   15.798  1.00 53.63  ? 145 GLN A C   1 
ATOM   570 O O   . GLN A 1 78 ? 10.302  1.121   16.846  1.00 55.41  ? 145 GLN A O   1 
ATOM   571 C CB  . GLN A 1 78 ? 9.666   -1.654  15.407  1.00 55.09  ? 145 GLN A CB  1 
ATOM   572 C CG  . GLN A 1 78 ? 9.072   -2.984  15.843  1.00 59.78  ? 145 GLN A CG  1 
ATOM   573 C CD  . GLN A 1 78 ? 9.294   -3.287  17.323  1.00 63.56  ? 145 GLN A CD  1 
ATOM   574 O OE1 . GLN A 1 78 ? 10.434  -3.521  17.768  1.00 64.00  ? 145 GLN A OE1 1 
ATOM   575 N NE2 . GLN A 1 78 ? 8.198   -3.302  18.091  1.00 60.30  ? 145 GLN A NE2 1 
ATOM   576 N N   . LEU A 1 79 ? 9.839   1.453   14.645  1.00 50.65  ? 146 LEU A N   1 
ATOM   577 C CA  . LEU A 1 79 ? 10.561  2.710   14.532  1.00 49.05  ? 146 LEU A CA  1 
ATOM   578 C C   . LEU A 1 79 ? 9.808   3.897   15.087  1.00 45.67  ? 146 LEU A C   1 
ATOM   579 O O   . LEU A 1 79 ? 10.378  4.958   15.153  1.00 49.33  ? 146 LEU A O   1 
ATOM   580 C CB  . LEU A 1 79 ? 10.926  2.990   13.080  1.00 47.94  ? 146 LEU A CB  1 
ATOM   581 C CG  . LEU A 1 79 ? 12.254  2.457   12.550  1.00 53.71  ? 146 LEU A CG  1 
ATOM   582 C CD1 . LEU A 1 79 ? 12.512  0.982   12.891  1.00 54.18  ? 146 LEU A CD1 1 
ATOM   583 C CD2 . LEU A 1 79 ? 12.282  2.656   11.046  1.00 56.38  ? 146 LEU A CD2 1 
ATOM   584 N N   . GLY A 1 80 ? 8.550   3.733   15.492  1.00 45.05  ? 147 GLY A N   1 
ATOM   585 C CA  . GLY A 1 80 ? 7.690   4.891   15.903  1.00 45.68  ? 147 GLY A CA  1 
ATOM   586 C C   . GLY A 1 80 ? 6.923   5.661   14.802  1.00 48.42  ? 147 GLY A C   1 
ATOM   587 O O   . GLY A 1 80 ? 6.219   6.653   15.090  1.00 49.76  ? 147 GLY A O   1 
ATOM   588 N N   . THR A 1 81 ? 7.023   5.209   13.553  1.00 46.07  ? 148 THR A N   1 
ATOM   589 C CA  . THR A 1 81 ? 6.343   5.874   12.425  1.00 49.71  ? 148 THR A CA  1 
ATOM   590 C C   . THR A 1 81 ? 4.827   5.514   12.318  1.00 50.00  ? 148 THR A C   1 
ATOM   591 O O   . THR A 1 81 ? 4.397   4.504   12.885  1.00 51.46  ? 148 THR A O   1 
ATOM   592 C CB  . THR A 1 81 ? 7.038   5.525   11.112  1.00 50.31  ? 148 THR A CB  1 
ATOM   593 O OG1 . THR A 1 81 ? 6.936   4.119   10.862  1.00 53.66  ? 148 THR A OG1 1 
ATOM   594 C CG2 . THR A 1 81 ? 8.526   5.894   11.151  1.00 50.31  ? 148 THR A CG2 1 
ATOM   595 N N   . ILE A 1 82 ? 4.034   6.351   11.639  1.00 45.58  ? 149 ILE A N   1 
ATOM   596 C CA  . ILE A 1 82 ? 2.631   6.038   11.370  1.00 46.82  ? 149 ILE A CA  1 
ATOM   597 C C   . ILE A 1 82 ? 2.544   5.449   9.951   1.00 45.79  ? 149 ILE A C   1 
ATOM   598 O O   . ILE A 1 82 ? 2.886   6.096   8.934   1.00 44.96  ? 149 ILE A O   1 
ATOM   599 C CB  . ILE A 1 82 ? 1.669   7.247   11.540  1.00 49.20  ? 149 ILE A CB  1 
ATOM   600 C CG1 . ILE A 1 82 ? 1.657   7.777   12.984  1.00 47.84  ? 149 ILE A CG1 1 
ATOM   601 C CG2 . ILE A 1 82 ? 0.213   6.901   11.074  1.00 44.93  ? 149 ILE A CG2 1 
ATOM   602 C CD1 . ILE A 1 82 ? 0.888   6.921   13.999  1.00 55.37  ? 149 ILE A CD1 1 
ATOM   603 N N   . ASN A 1 83 ? 2.158   4.185   9.885   1.00 45.71  ? 150 ASN A N   1 
ATOM   604 C CA  . ASN A 1 83 ? 2.101   3.488   8.597   1.00 42.61  ? 150 ASN A CA  1 
ATOM   605 C C   . ASN A 1 83 ? 0.669   3.055   8.372   1.00 40.38  ? 150 ASN A C   1 
ATOM   606 O O   . ASN A 1 83 ? -0.040  2.835   9.335   1.00 42.87  ? 150 ASN A O   1 
ATOM   607 C CB  . ASN A 1 83 ? 2.942   2.233   8.676   1.00 43.24  ? 150 ASN A CB  1 
ATOM   608 C CG  . ASN A 1 83 ? 4.419   2.497   8.531   1.00 40.86  ? 150 ASN A CG  1 
ATOM   609 O OD1 . ASN A 1 83 ? 4.867   3.458   7.873   1.00 38.16  ? 150 ASN A OD1 1 
ATOM   610 N ND2 . ASN A 1 83 ? 5.188   1.567   9.052   1.00 41.57  ? 150 ASN A ND2 1 
ATOM   611 N N   . ASN A 1 84 ? 0.257   2.904   7.120   1.00 40.01  ? 151 ASN A N   1 
ATOM   612 C CA  . ASN A 1 84 ? -1.057  2.273   6.869   1.00 42.75  ? 151 ASN A CA  1 
ATOM   613 C C   . ASN A 1 84 ? -0.891  0.768   7.076   1.00 42.58  ? 151 ASN A C   1 
ATOM   614 O O   . ASN A 1 84 ? 0.221   0.257   6.927   1.00 41.80  ? 151 ASN A O   1 
ATOM   615 C CB  . ASN A 1 84 ? -1.526  2.566   5.442   1.00 42.06  ? 151 ASN A CB  1 
ATOM   616 C CG  . ASN A 1 84 ? -2.108  3.963   5.297   1.00 36.88  ? 151 ASN A CG  1 
ATOM   617 O OD1 . ASN A 1 84 ? -3.068  4.333   5.969   1.00 40.86  ? 151 ASN A OD1 1 
ATOM   618 N ND2 . ASN A 1 84 ? -1.549  4.704   4.385   1.00 37.10  ? 151 ASN A ND2 1 
ATOM   619 N N   . LEU A 1 85 ? -1.970  0.097   7.476   1.00 41.58  ? 152 LEU A N   1 
ATOM   620 C CA  . LEU A 1 85 ? -1.949  -1.339  7.585   1.00 42.13  ? 152 LEU A CA  1 
ATOM   621 C C   . LEU A 1 85 ? -3.004  -1.926  6.600   1.00 45.58  ? 152 LEU A C   1 
ATOM   622 O O   . LEU A 1 85 ? -4.150  -1.435  6.550   1.00 40.13  ? 152 LEU A O   1 
ATOM   623 C CB  . LEU A 1 85 ? -2.275  -1.761  8.996   1.00 40.72  ? 152 LEU A CB  1 
ATOM   624 C CG  . LEU A 1 85 ? -2.144  -3.278  9.266   1.00 45.99  ? 152 LEU A CG  1 
ATOM   625 C CD1 . LEU A 1 85 ? -0.710  -3.721  9.558   1.00 47.55  ? 152 LEU A CD1 1 
ATOM   626 C CD2 . LEU A 1 85 ? -3.032  -3.640  10.428  1.00 44.81  ? 152 LEU A CD2 1 
ATOM   627 N N   . ILE A 1 86 ? -2.591  -2.914  5.802   1.00 43.23  ? 153 ILE A N   1 
ATOM   628 C CA  . ILE A 1 86 ? -3.543  -3.692  4.961   1.00 45.19  ? 153 ILE A CA  1 
ATOM   629 C C   . ILE A 1 86 ? -3.551  -5.156  5.402   1.00 45.93  ? 153 ILE A C   1 
ATOM   630 O O   . ILE A 1 86 ? -2.497  -5.731  5.674   1.00 45.66  ? 153 ILE A O   1 
ATOM   631 C CB  . ILE A 1 86 ? -3.236  -3.558  3.442   1.00 43.20  ? 153 ILE A CB  1 
ATOM   632 C CG1 . ILE A 1 86 ? -4.423  -4.112  2.632   1.00 50.74  ? 153 ILE A CG1 1 
ATOM   633 C CG2 . ILE A 1 86 ? -1.914  -4.222  3.068   1.00 42.00  ? 153 ILE A CG2 1 
ATOM   634 C CD1 . ILE A 1 86 ? -4.397  -3.847  1.154   1.00 45.82  ? 153 ILE A CD1 1 
ATOM   635 N N   . HIS A 1 87 ? -4.728  -5.748  5.531   1.00 46.41  ? 154 HIS A N   1 
ATOM   636 C CA  . HIS A 1 87 ? -4.800  -7.179  5.680   1.00 50.34  ? 154 HIS A CA  1 
ATOM   637 C C   . HIS A 1 87 ? -5.143  -7.820  4.336   1.00 51.88  ? 154 HIS A C   1 
ATOM   638 O O   . HIS A 1 87 ? -6.150  -7.476  3.703   1.00 46.29  ? 154 HIS A O   1 
ATOM   639 C CB  . HIS A 1 87 ? -5.821  -7.590  6.729   1.00 51.70  ? 154 HIS A CB  1 
ATOM   640 C CG  . HIS A 1 87 ? -5.859  -9.065  6.957   1.00 56.27  ? 154 HIS A CG  1 
ATOM   641 N ND1 . HIS A 1 87 ? -5.112  -9.687  7.937   1.00 60.64  ? 154 HIS A ND1 1 
ATOM   642 C CD2 . HIS A 1 87 ? -6.521  -10.052 6.305   1.00 60.44  ? 154 HIS A CD2 1 
ATOM   643 C CE1 . HIS A 1 87 ? -5.330  -10.992 7.894   1.00 62.10  ? 154 HIS A CE1 1 
ATOM   644 N NE2 . HIS A 1 87 ? -6.178  -11.240 6.910   1.00 61.23  ? 154 HIS A NE2 1 
ATOM   645 N N   . VAL A 1 88 ? -4.277  -8.739  3.913   1.00 56.60  ? 155 VAL A N   1 
ATOM   646 C CA  . VAL A 1 88 ? -4.507  -9.572  2.725   1.00 60.78  ? 155 VAL A CA  1 
ATOM   647 C C   . VAL A 1 88 ? -5.142  -10.923 3.133   1.00 62.71  ? 155 VAL A C   1 
ATOM   648 O O   . VAL A 1 88 ? -4.592  -11.676 3.961   1.00 62.66  ? 155 VAL A O   1 
ATOM   649 C CB  . VAL A 1 88 ? -3.217  -9.751  1.925   1.00 60.30  ? 155 VAL A CB  1 
ATOM   650 C CG1 . VAL A 1 88 ? -3.476  -10.529 0.679   1.00 65.02  ? 155 VAL A CG1 1 
ATOM   651 C CG2 . VAL A 1 88 ? -2.628  -8.387  1.555   1.00 56.52  ? 155 VAL A CG2 1 
ATOM   652 N N   . LYS A 1 89 ? -6.322  -11.198 2.577   1.00 62.72  ? 156 LYS A N   1 
ATOM   653 C CA  . LYS A 1 89 ? -7.089  -12.400 2.919   1.00 64.44  ? 156 LYS A CA  1 
ATOM   654 C C   . LYS A 1 89 ? -6.434  -13.635 2.292   1.00 61.93  ? 156 LYS A C   1 
ATOM   655 O O   . LYS A 1 89 ? -5.835  -13.553 1.197   1.00 56.89  ? 156 LYS A O   1 
ATOM   656 C CB  . LYS A 1 89 ? -8.546  -12.296 2.443   1.00 64.62  ? 156 LYS A CB  1 
ATOM   657 C CG  . LYS A 1 89 ? -9.342  -11.139 3.043   1.00 70.37  ? 156 LYS A CG  1 
ATOM   658 C CD  . LYS A 1 89 ? -10.835 -11.200 2.638   1.00 71.54  ? 156 LYS A CD  1 
ATOM   659 C CE  . LYS A 1 89 ? -11.114 -10.460 1.302   1.00 78.15  ? 156 LYS A CE  1 
ATOM   660 N NZ  . LYS A 1 89 ? -12.575 -10.439 0.903   1.00 72.93  ? 156 LYS A NZ  1 
ATOM   661 N N   . LYS A 1 90 ? -6.510  -14.763 2.989   1.00 60.90  ? 157 LYS A N   1 
ATOM   662 C CA  . LYS A 1 90 ? -5.952  -15.995 2.413   1.00 65.15  ? 157 LYS A CA  1 
ATOM   663 C C   . LYS A 1 90 ? -6.831  -16.399 1.237   1.00 61.22  ? 157 LYS A C   1 
ATOM   664 O O   . LYS A 1 90 ? -8.043  -16.215 1.283   1.00 59.65  ? 157 LYS A O   1 
ATOM   665 C CB  . LYS A 1 90 ? -5.839  -17.126 3.443   1.00 63.70  ? 157 LYS A CB  1 
ATOM   666 C CG  . LYS A 1 90 ? -7.159  -17.720 3.910   1.00 73.50  ? 157 LYS A CG  1 
ATOM   667 C CD  . LYS A 1 90 ? -6.952  -18.916 4.837   1.00 73.68  ? 157 LYS A CD  1 
ATOM   668 C CE  . LYS A 1 90 ? -8.235  -19.772 4.895   1.00 84.47  ? 157 LYS A CE  1 
ATOM   669 N NZ  . LYS A 1 90 ? -8.174  -20.892 5.905   1.00 86.87  ? 157 LYS A NZ  1 
ATOM   670 N N   . SER A 1 91 ? -6.224  -16.901 0.168   1.00 64.55  ? 158 SER A N   1 
ATOM   671 C CA  . SER A 1 91 ? -7.038  -17.328 -0.989  1.00 65.38  ? 158 SER A CA  1 
ATOM   672 C C   . SER A 1 91 ? -7.164  -18.855 -1.148  1.00 66.63  ? 158 SER A C   1 
ATOM   673 O O   . SER A 1 91 ? -7.678  -19.329 -2.167  1.00 67.64  ? 158 SER A O   1 
ATOM   674 C CB  . SER A 1 91 ? -6.566  -16.675 -2.284  1.00 64.01  ? 158 SER A CB  1 
ATOM   675 O OG  . SER A 1 91 ? -5.230  -17.004 -2.556  1.00 63.62  ? 158 SER A OG  1 
ATOM   676 N N   . ASP A 1 92 ? -6.707  -19.591 -0.132  1.00 66.63  ? 159 ASP A N   1 
ATOM   677 C CA  . ASP A 1 92 ? -6.906  -21.048 -0.002  1.00 66.16  ? 159 ASP A CA  1 
ATOM   678 C C   . ASP A 1 92 ? -8.305  -21.564 -0.406  1.00 66.34  ? 159 ASP A C   1 
ATOM   679 O O   . ASP A 1 92 ? -9.317  -21.176 0.183   1.00 66.78  ? 159 ASP A O   1 
ATOM   680 C CB  . ASP A 1 92 ? -6.566  -21.504 1.422   1.00 63.28  ? 159 ASP A CB  1 
ATOM   681 C CG  . ASP A 1 92 ? -5.129  -21.201 1.796   1.00 65.63  ? 159 ASP A CG  1 
ATOM   682 O OD1 . ASP A 1 92 ? -4.549  -20.250 1.218   1.00 70.71  ? 159 ASP A OD1 1 
ATOM   683 O OD2 . ASP A 1 92 ? -4.560  -21.904 2.654   1.00 62.30  ? 159 ASP A OD2 1 
ATOM   684 N N   . PHE A 1 93 ? -8.350  -22.421 -1.433  1.00 65.03  ? 160 PHE A N   1 
ATOM   685 C CA  . PHE A 1 93 ? -9.587  -23.096 -1.854  1.00 63.80  ? 160 PHE A CA  1 
ATOM   686 C C   . PHE A 1 93 ? -10.614 -22.232 -2.588  1.00 63.74  ? 160 PHE A C   1 
ATOM   687 O O   . PHE A 1 93 ? -11.758 -22.688 -2.835  1.00 63.38  ? 160 PHE A O   1 
ATOM   688 C CB  . PHE A 1 93 ? -10.304 -23.756 -0.668  1.00 67.79  ? 160 PHE A CB  1 
ATOM   689 C CG  . PHE A 1 93 ? -9.554  -24.868 -0.005  1.00 68.20  ? 160 PHE A CG  1 
ATOM   690 C CD1 . PHE A 1 93 ? -9.341  -26.072 -0.663  1.00 71.18  ? 160 PHE A CD1 1 
ATOM   691 C CD2 . PHE A 1 93 ? -9.141  -24.734 1.313   1.00 72.53  ? 160 PHE A CD2 1 
ATOM   692 C CE1 . PHE A 1 93 ? -8.690  -27.105 -0.047  1.00 72.73  ? 160 PHE A CE1 1 
ATOM   693 C CE2 . PHE A 1 93 ? -8.484  -25.769 1.962   1.00 75.09  ? 160 PHE A CE2 1 
ATOM   694 C CZ  . PHE A 1 93 ? -8.257  -26.965 1.271   1.00 75.24  ? 160 PHE A CZ  1 
ATOM   695 N N   . GLU A 1 94 ? -10.236 -21.007 -2.940  1.00 61.93  ? 161 GLU A N   1 
ATOM   696 C CA  . GLU A 1 94 ? -11.112 -20.137 -3.742  1.00 63.82  ? 161 GLU A CA  1 
ATOM   697 C C   . GLU A 1 94 ? -11.402 -20.574 -5.171  1.00 61.98  ? 161 GLU A C   1 
ATOM   698 O O   . GLU A 1 94 ? -12.280 -20.006 -5.786  1.00 64.50  ? 161 GLU A O   1 
ATOM   699 C CB  . GLU A 1 94 ? -10.603 -18.701 -3.766  1.00 62.41  ? 161 GLU A CB  1 
ATOM   700 C CG  . GLU A 1 94 ? -11.030 -17.874 -2.586  1.00 65.04  ? 161 GLU A CG  1 
ATOM   701 C CD  . GLU A 1 94 ? -10.424 -16.483 -2.653  1.00 74.53  ? 161 GLU A CD  1 
ATOM   702 O OE1 . GLU A 1 94 ? -10.017 -16.050 -3.764  1.00 72.88  ? 161 GLU A OE1 1 
ATOM   703 O OE2 . GLU A 1 94 ? -10.339 -15.821 -1.596  1.00 79.68  ? 161 GLU A OE2 1 
ATOM   704 N N   . VAL A 1 95 ? -10.666 -21.555 -5.703  1.00 66.25  ? 162 VAL A N   1 
ATOM   705 C CA  . VAL A 1 95 ? -11.014 -22.167 -7.005  1.00 63.73  ? 162 VAL A CA  1 
ATOM   706 C C   . VAL A 1 95 ? -12.357 -22.861 -7.024  1.00 65.34  ? 162 VAL A C   1 
ATOM   707 O O   . VAL A 1 95 ? -12.956 -22.968 -8.076  1.00 68.22  ? 162 VAL A O   1 
ATOM   708 C CB  . VAL A 1 95 ? -10.020 -23.238 -7.505  1.00 65.01  ? 162 VAL A CB  1 
ATOM   709 C CG1 . VAL A 1 95 ? -8.819  -22.623 -8.133  1.00 62.78  ? 162 VAL A CG1 1 
ATOM   710 C CG2 . VAL A 1 95 ? -9.676  -24.275 -6.414  1.00 60.87  ? 162 VAL A CG2 1 
ATOM   711 N N   . PHE A 1 96 ? -12.821 -23.376 -5.893  1.00 65.39  ? 163 PHE A N   1 
ATOM   712 C CA  . PHE A 1 96 ? -13.989 -24.255 -5.918  1.00 65.64  ? 163 PHE A CA  1 
ATOM   713 C C   . PHE A 1 96 ? -15.296 -23.506 -5.892  1.00 65.55  ? 163 PHE A C   1 
ATOM   714 O O   . PHE A 1 96 ? -15.343 -22.447 -5.310  1.00 67.56  ? 163 PHE A O   1 
ATOM   715 C CB  . PHE A 1 96 ? -13.904 -25.304 -4.800  1.00 65.27  ? 163 PHE A CB  1 
ATOM   716 C CG  . PHE A 1 96 ? -12.740 -26.246 -4.972  1.00 64.08  ? 163 PHE A CG  1 
ATOM   717 C CD1 . PHE A 1 96 ? -11.644 -26.192 -4.117  1.00 62.33  ? 163 PHE A CD1 1 
ATOM   718 C CD2 . PHE A 1 96 ? -12.715 -27.142 -6.036  1.00 66.20  ? 163 PHE A CD2 1 
ATOM   719 C CE1 . PHE A 1 96 ? -10.553 -27.031 -4.302  1.00 60.54  ? 163 PHE A CE1 1 
ATOM   720 C CE2 . PHE A 1 96 ? -11.622 -27.979 -6.225  1.00 66.11  ? 163 PHE A CE2 1 
ATOM   721 C CZ  . PHE A 1 96 ? -10.538 -27.910 -5.348  1.00 63.25  ? 163 PHE A CZ  1 
HETATM 722 O O   . HOH B 2 .  ? 7.553   4.276   8.261   1.00 54.55  ? 1   HOH A O   1 
HETATM 723 O O   . HOH B 2 .  ? -5.846  1.231   -1.129  1.00 57.15  ? 2   HOH A O   1 
HETATM 724 O O   . HOH B 2 .  ? -6.403  -5.924  10.154  0.50 44.50  ? 3   HOH A O   1 
HETATM 725 O O   . HOH B 2 .  ? 8.359   2.028   8.871   1.00 59.40  ? 4   HOH A O   1 
HETATM 726 O O   . HOH B 2 .  ? -0.039  12.172  6.524   1.00 64.31  ? 5   HOH A O   1 
HETATM 727 O O   . HOH B 2 .  ? -3.003  -17.795 1.815   1.00 89.90  ? 6   HOH A O   1 
HETATM 728 O O   . HOH B 2 .  ? -5.185  10.820  -5.797  1.00 71.92  ? 7   HOH A O   1 
HETATM 729 O O   . HOH B 2 .  ? 12.447  8.883   -2.409  1.00 74.44  ? 8   HOH A O   1 
HETATM 730 O O   . HOH B 2 .  ? 4.843   -7.363  5.484   1.00 61.83  ? 9   HOH A O   1 
HETATM 731 O O   . HOH B 2 .  ? -7.261  -4.118  4.522   1.00 63.57  ? 10  HOH A O   1 
HETATM 732 O O   . HOH B 2 .  ? -5.115  -0.581  4.065   1.00 52.80  ? 11  HOH A O   1 
HETATM 733 O O   . HOH B 2 .  ? 2.005   10.441  8.038   1.00 77.40  ? 12  HOH A O   1 
HETATM 734 O O   . HOH B 2 .  ? -6.803  6.205   9.542   1.00 63.64  ? 13  HOH A O   1 
HETATM 735 O O   . HOH B 2 .  ? -11.330 -21.830 2.537   0.50 62.30  ? 14  HOH A O   1 
HETATM 736 O O   . HOH B 2 .  ? -9.640  5.590   8.528   1.00 58.70  ? 15  HOH A O   1 
HETATM 737 O O   . HOH B 2 .  ? 1.058   -1.518  -10.457 1.00 64.26  ? 16  HOH A O   1 
HETATM 738 O O   . HOH B 2 .  ? 6.088   -3.405  14.282  1.00 78.95  ? 17  HOH A O   1 
HETATM 739 O O   . HOH B 2 .  ? -12.427 5.996   4.299   1.00 80.32  ? 18  HOH A O   1 
HETATM 740 O O   . HOH B 2 .  ? 9.296   -0.531  10.485  1.00 77.24  ? 19  HOH A O   1 
HETATM 741 O O   . HOH B 2 .  ? 5.162   15.861  -7.571  1.00 75.67  ? 20  HOH A O   1 
HETATM 742 O O   . HOH B 2 .  ? -3.212  -15.234 -0.646  1.00 83.30  ? 21  HOH A O   1 
HETATM 743 O O   . HOH B 2 .  ? -5.564  14.432  -7.771  1.00 74.54  ? 22  HOH A O   1 
HETATM 744 O O   . HOH B 2 .  ? 8.713   12.757  3.680   1.00 70.30  ? 23  HOH A O   1 
HETATM 745 O O   . HOH B 2 .  ? -2.157  12.127  5.397   1.00 66.25  ? 24  HOH A O   1 
HETATM 746 O O   . HOH B 2 .  ? 11.466  6.956   16.611  1.00 65.14  ? 25  HOH A O   1 
HETATM 747 O O   . HOH B 2 .  ? 12.867  9.464   1.778   1.00 73.31  ? 26  HOH A O   1 
HETATM 748 O O   . HOH B 2 .  ? -4.454  3.070   0.572   1.00 63.35  ? 27  HOH A O   1 
HETATM 749 O O   . HOH B 2 .  ? 5.145   8.686   10.781  1.00 79.43  ? 28  HOH A O   1 
HETATM 750 O O   . HOH B 2 .  ? -9.011  1.790   -2.214  1.00 110.93 ? 29  HOH A O   1 
HETATM 751 O O   . HOH B 2 .  ? 10.976  -4.658  7.384   1.00 72.17  ? 30  HOH A O   1 
HETATM 752 O O   . HOH B 2 .  ? -12.240 10.856  -18.976 1.00 70.24  ? 31  HOH A O   1 
HETATM 753 O O   . HOH B 2 .  ? 2.896   0.142   -11.026 1.00 69.14  ? 32  HOH A O   1 
HETATM 754 O O   . HOH B 2 .  ? -5.370  9.650   9.466   1.00 98.52  ? 33  HOH A O   1 
# 
loop_
_pdbx_poly_seq_scheme.asym_id 
_pdbx_poly_seq_scheme.entity_id 
_pdbx_poly_seq_scheme.seq_id 
_pdbx_poly_seq_scheme.mon_id 
_pdbx_poly_seq_scheme.ndb_seq_num 
_pdbx_poly_seq_scheme.pdb_seq_num 
_pdbx_poly_seq_scheme.auth_seq_num 
_pdbx_poly_seq_scheme.pdb_mon_id 
_pdbx_poly_seq_scheme.auth_mon_id 
_pdbx_poly_seq_scheme.pdb_strand_id 
_pdbx_poly_seq_scheme.pdb_ins_code 
_pdbx_poly_seq_scheme.hetero 
A 1 1  GLY 1  68  ?   ?   ?   A . n 
A 1 2  SER 2  69  ?   ?   ?   A . n 
A 1 3  VAL 3  70  ?   ?   ?   A . n 
A 1 4  LYS 4  71  ?   ?   ?   A . n 
A 1 5  PRO 5  72  ?   ?   ?   A . n 
A 1 6  THR 6  73  ?   ?   ?   A . n 
A 1 7  GLN 7  74  ?   ?   ?   A . n 
A 1 8  GLN 8  75  75  GLN GLN A . n 
A 1 9  ALA 9  76  76  ALA ALA A . n 
A 1 10 ARG 10 77  77  ARG ARG A . n 
A 1 11 PRO 11 78  78  PRO PRO A . n 
A 1 12 THR 12 79  79  THR THR A . n 
A 1 13 VAL 13 80  80  VAL VAL A . n 
A 1 14 ILE 14 81  81  ILE ILE A . n 
A 1 15 ARG 15 82  82  ARG ARG A . n 
A 1 16 TRP 16 83  83  TRP TRP A . n 
A 1 17 SER 17 84  84  SER SER A . n 
A 1 18 GLU 18 85  85  GLU GLU A . n 
A 1 19 GLY 19 86  86  GLY GLY A . n 
A 1 20 GLY 20 87  87  GLY GLY A . n 
A 1 21 LYS 21 88  88  LYS LYS A . n 
A 1 22 GLU 22 89  89  GLU GLU A . n 
A 1 23 VAL 23 90  90  VAL VAL A . n 
A 1 24 PHE 24 91  91  PHE PHE A . n 
A 1 25 ILE 25 92  92  ILE ILE A . n 
A 1 26 SER 26 93  93  SER SER A . n 
A 1 27 GLY 27 94  94  GLY GLY A . n 
A 1 28 SER 28 95  95  SER SER A . n 
A 1 29 PHE 29 96  96  PHE PHE A . n 
A 1 30 ASN 30 97  97  ASN ASN A . n 
A 1 31 ASN 31 98  98  ASN ASN A . n 
A 1 32 TRP 32 99  99  TRP TRP A . n 
A 1 33 SER 33 100 100 SER SER A . n 
A 1 34 THR 34 101 101 THR THR A . n 
A 1 35 LYS 35 102 102 LYS LYS A . n 
A 1 36 ILE 36 103 103 ILE ILE A . n 
A 1 37 PRO 37 104 104 PRO PRO A . n 
A 1 38 LEU 38 105 105 LEU LEU A . n 
A 1 39 ILE 39 106 106 ILE ILE A . n 
A 1 40 LYS 40 107 107 LYS LYS A . n 
A 1 41 SER 41 108 108 SER SER A . n 
A 1 42 HIS 42 109 109 HIS HIS A . n 
A 1 43 ASN 43 110 110 ASN ASN A . n 
A 1 44 ASP 44 111 111 ASP ASP A . n 
A 1 45 PHE 45 112 112 PHE PHE A . n 
A 1 46 VAL 46 113 113 VAL VAL A . n 
A 1 47 ALA 47 114 114 ALA ALA A . n 
A 1 48 ILE 48 115 115 ILE ILE A . n 
A 1 49 LEU 49 116 116 LEU LEU A . n 
A 1 50 ASP 50 117 117 ASP ASP A . n 
A 1 51 LEU 51 118 118 LEU LEU A . n 
A 1 52 PRO 52 119 119 PRO PRO A . n 
A 1 53 GLU 53 120 120 GLU GLU A . n 
A 1 54 GLY 54 121 121 GLY GLY A . n 
A 1 55 GLU 55 122 122 GLU GLU A . n 
A 1 56 HIS 56 123 123 HIS HIS A . n 
A 1 57 GLN 57 124 124 GLN GLN A . n 
A 1 58 TYR 58 125 125 TYR TYR A . n 
A 1 59 LYS 59 126 126 LYS LYS A . n 
A 1 60 PHE 60 127 127 PHE PHE A . n 
A 1 61 PHE 61 128 128 PHE PHE A . n 
A 1 62 VAL 62 129 129 VAL VAL A . n 
A 1 63 ASP 63 130 130 ASP ASP A . n 
A 1 64 GLY 64 131 131 GLY GLY A . n 
A 1 65 GLN 65 132 132 GLN GLN A . n 
A 1 66 TRP 66 133 133 TRP TRP A . n 
A 1 67 VAL 67 134 134 VAL VAL A . n 
A 1 68 HIS 68 135 135 HIS HIS A . n 
A 1 69 ASP 69 136 136 ASP ASP A . n 
A 1 70 PRO 70 137 137 PRO PRO A . n 
A 1 71 SER 71 138 138 SER SER A . n 
A 1 72 GLU 72 139 139 GLU GLU A . n 
A 1 73 PRO 73 140 140 PRO PRO A . n 
A 1 74 VAL 74 141 141 VAL VAL A . n 
A 1 75 VAL 75 142 142 VAL VAL A . n 
A 1 76 THR 76 143 143 THR THR A . n 
A 1 77 SER 77 144 144 SER SER A . n 
A 1 78 GLN 78 145 145 GLN GLN A . n 
A 1 79 LEU 79 146 146 LEU LEU A . n 
A 1 80 GLY 80 147 147 GLY GLY A . n 
A 1 81 THR 81 148 148 THR THR A . n 
A 1 82 ILE 82 149 149 ILE ILE A . n 
A 1 83 ASN 83 150 150 ASN ASN A . n 
A 1 84 ASN 84 151 151 ASN ASN A . n 
A 1 85 LEU 85 152 152 LEU LEU A . n 
A 1 86 ILE 86 153 153 ILE ILE A . n 
A 1 87 HIS 87 154 154 HIS HIS A . n 
A 1 88 VAL 88 155 155 VAL VAL A . n 
A 1 89 LYS 89 156 156 LYS LYS A . n 
A 1 90 LYS 90 157 157 LYS LYS A . n 
A 1 91 SER 91 158 158 SER SER A . n 
A 1 92 ASP 92 159 159 ASP ASP A . n 
A 1 93 PHE 93 160 160 PHE PHE A . n 
A 1 94 GLU 94 161 161 GLU GLU A . n 
A 1 95 VAL 95 162 162 VAL VAL A . n 
A 1 96 PHE 96 163 163 PHE PHE A . n 
# 
_pdbx_SG_project.id                    1 
_pdbx_SG_project.project_name          ? 
_pdbx_SG_project.full_name_of_center   'Structural Genomics Consortium' 
_pdbx_SG_project.initial_of_center     SGC 
# 
loop_
_pdbx_nonpoly_scheme.asym_id 
_pdbx_nonpoly_scheme.entity_id 
_pdbx_nonpoly_scheme.mon_id 
_pdbx_nonpoly_scheme.ndb_seq_num 
_pdbx_nonpoly_scheme.pdb_seq_num 
_pdbx_nonpoly_scheme.auth_seq_num 
_pdbx_nonpoly_scheme.pdb_mon_id 
_pdbx_nonpoly_scheme.auth_mon_id 
_pdbx_nonpoly_scheme.pdb_strand_id 
_pdbx_nonpoly_scheme.pdb_ins_code 
B 2 HOH 1  1  1  HOH HOH A . 
B 2 HOH 2  2  2  HOH HOH A . 
B 2 HOH 3  3  3  HOH HOH A . 
B 2 HOH 4  4  4  HOH HOH A . 
B 2 HOH 5  5  5  HOH HOH A . 
B 2 HOH 6  6  6  HOH HOH A . 
B 2 HOH 7  7  7  HOH HOH A . 
B 2 HOH 8  8  8  HOH HOH A . 
B 2 HOH 9  9  9  HOH HOH A . 
B 2 HOH 10 10 10 HOH HOH A . 
B 2 HOH 11 11 11 HOH HOH A . 
B 2 HOH 12 12 12 HOH HOH A . 
B 2 HOH 13 13 13 HOH HOH A . 
B 2 HOH 14 14 14 HOH HOH A . 
B 2 HOH 15 15 15 HOH HOH A . 
B 2 HOH 16 16 16 HOH HOH A . 
B 2 HOH 17 17 17 HOH HOH A . 
B 2 HOH 18 18 18 HOH HOH A . 
B 2 HOH 19 19 19 HOH HOH A . 
B 2 HOH 20 20 20 HOH HOH A . 
B 2 HOH 21 21 21 HOH HOH A . 
B 2 HOH 22 22 22 HOH HOH A . 
B 2 HOH 23 23 23 HOH HOH A . 
B 2 HOH 24 24 24 HOH HOH A . 
B 2 HOH 25 25 25 HOH HOH A . 
B 2 HOH 26 26 26 HOH HOH A . 
B 2 HOH 27 27 27 HOH HOH A . 
B 2 HOH 28 28 28 HOH HOH A . 
B 2 HOH 29 29 29 HOH HOH A . 
B 2 HOH 30 30 30 HOH HOH A . 
B 2 HOH 31 31 31 HOH HOH A . 
B 2 HOH 32 32 32 HOH HOH A . 
B 2 HOH 33 33 33 HOH HOH A . 
# 
_pdbx_struct_assembly.id                   1 
_pdbx_struct_assembly.details              author_defined_assembly 
_pdbx_struct_assembly.method_details       ? 
_pdbx_struct_assembly.oligomeric_details   monomeric 
_pdbx_struct_assembly.oligomeric_count     1 
# 
_pdbx_struct_assembly_gen.assembly_id       1 
_pdbx_struct_assembly_gen.oper_expression   1 
_pdbx_struct_assembly_gen.asym_id_list      A,B 
# 
_pdbx_struct_oper_list.id                   1 
_pdbx_struct_oper_list.type                 'identity operation' 
_pdbx_struct_oper_list.name                 1_555 
_pdbx_struct_oper_list.symmetry_operation   x,y,z 
_pdbx_struct_oper_list.matrix[1][1]         1.0000000000 
_pdbx_struct_oper_list.matrix[1][2]         0.0000000000 
_pdbx_struct_oper_list.matrix[1][3]         0.0000000000 
_pdbx_struct_oper_list.vector[1]            0.0000000000 
_pdbx_struct_oper_list.matrix[2][1]         0.0000000000 
_pdbx_struct_oper_list.matrix[2][2]         1.0000000000 
_pdbx_struct_oper_list.matrix[2][3]         0.0000000000 
_pdbx_struct_oper_list.vector[2]            0.0000000000 
_pdbx_struct_oper_list.matrix[3][1]         0.0000000000 
_pdbx_struct_oper_list.matrix[3][2]         0.0000000000 
_pdbx_struct_oper_list.matrix[3][3]         1.0000000000 
_pdbx_struct_oper_list.vector[3]            0.0000000000 
# 
loop_
_pdbx_audit_revision_history.ordinal 
_pdbx_audit_revision_history.data_content_type 
_pdbx_audit_revision_history.major_revision 
_pdbx_audit_revision_history.minor_revision 
_pdbx_audit_revision_history.revision_date 
1 'Structure model' 1 0 2005-12-27 
2 'Structure model' 1 1 2008-05-01 
3 'Structure model' 1 2 2011-07-13 
4 'Structure model' 1 3 2023-08-23 
# 
_pdbx_audit_revision_details.ordinal             1 
_pdbx_audit_revision_details.revision_ordinal    1 
_pdbx_audit_revision_details.data_content_type   'Structure model' 
_pdbx_audit_revision_details.provider            repository 
_pdbx_audit_revision_details.type                'Initial release' 
_pdbx_audit_revision_details.description         ? 
_pdbx_audit_revision_details.details             ? 
# 
loop_
_pdbx_audit_revision_group.ordinal 
_pdbx_audit_revision_group.revision_ordinal 
_pdbx_audit_revision_group.data_content_type 
_pdbx_audit_revision_group.group 
1 2 'Structure model' 'Version format compliance' 
2 3 'Structure model' 'Version format compliance' 
3 4 'Structure model' 'Data collection'           
4 4 'Structure model' 'Database references'       
5 4 'Structure model' 'Refinement description'    
# 
loop_
_pdbx_audit_revision_category.ordinal 
_pdbx_audit_revision_category.revision_ordinal 
_pdbx_audit_revision_category.data_content_type 
_pdbx_audit_revision_category.category 
1 4 'Structure model' chem_comp_atom                
2 4 'Structure model' chem_comp_bond                
3 4 'Structure model' database_2                    
4 4 'Structure model' pdbx_initial_refinement_model 
5 4 'Structure model' struct_ref_seq_dif            
# 
loop_
_pdbx_audit_revision_item.ordinal 
_pdbx_audit_revision_item.revision_ordinal 
_pdbx_audit_revision_item.data_content_type 
_pdbx_audit_revision_item.item 
1 4 'Structure model' '_database_2.pdbx_DOI'                
2 4 'Structure model' '_database_2.pdbx_database_accession' 
3 4 'Structure model' '_struct_ref_seq_dif.details'         
# 
loop_
_software.name 
_software.classification 
_software.version 
_software.citation_id 
_software.pdbx_ordinal 
REFMAC    refinement       5.2.0019 ? 1 
HKL-2000  'data reduction' .        ? 2 
SCALEPACK 'data scaling'   .        ? 3 
PHASER    phasing          .        ? 4 
# 
loop_
_pdbx_validate_torsion.id 
_pdbx_validate_torsion.PDB_model_num 
_pdbx_validate_torsion.auth_comp_id 
_pdbx_validate_torsion.auth_asym_id 
_pdbx_validate_torsion.auth_seq_id 
_pdbx_validate_torsion.PDB_ins_code 
_pdbx_validate_torsion.label_alt_id 
_pdbx_validate_torsion.phi 
_pdbx_validate_torsion.psi 
1 1 SER A 108 ? ? -166.52 95.76  
2 1 HIS A 109 ? ? 58.55   70.52  
3 1 ASN A 110 ? ? 78.36   -8.19  
4 1 GLU A 120 ? ? -43.97  153.87 
# 
loop_
_pdbx_unobs_or_zero_occ_residues.id 
_pdbx_unobs_or_zero_occ_residues.PDB_model_num 
_pdbx_unobs_or_zero_occ_residues.polymer_flag 
_pdbx_unobs_or_zero_occ_residues.occupancy_flag 
_pdbx_unobs_or_zero_occ_residues.auth_asym_id 
_pdbx_unobs_or_zero_occ_residues.auth_comp_id 
_pdbx_unobs_or_zero_occ_residues.auth_seq_id 
_pdbx_unobs_or_zero_occ_residues.PDB_ins_code 
_pdbx_unobs_or_zero_occ_residues.label_asym_id 
_pdbx_unobs_or_zero_occ_residues.label_comp_id 
_pdbx_unobs_or_zero_occ_residues.label_seq_id 
1 1 Y 1 A GLY 68 ? A GLY 1 
2 1 Y 1 A SER 69 ? A SER 2 
3 1 Y 1 A VAL 70 ? A VAL 3 
4 1 Y 1 A LYS 71 ? A LYS 4 
5 1 Y 1 A PRO 72 ? A PRO 5 
6 1 Y 1 A THR 73 ? A THR 6 
7 1 Y 1 A GLN 74 ? A GLN 7 
# 
loop_
_chem_comp_atom.comp_id 
_chem_comp_atom.atom_id 
_chem_comp_atom.type_symbol 
_chem_comp_atom.pdbx_aromatic_flag 
_chem_comp_atom.pdbx_stereo_config 
_chem_comp_atom.pdbx_ordinal 
ALA N    N N N 1   
ALA CA   C N S 2   
ALA C    C N N 3   
ALA O    O N N 4   
ALA CB   C N N 5   
ALA OXT  O N N 6   
ALA H    H N N 7   
ALA H2   H N N 8   
ALA HA   H N N 9   
ALA HB1  H N N 10  
ALA HB2  H N N 11  
ALA HB3  H N N 12  
ALA HXT  H N N 13  
ARG N    N N N 14  
ARG CA   C N S 15  
ARG C    C N N 16  
ARG O    O N N 17  
ARG CB   C N N 18  
ARG CG   C N N 19  
ARG CD   C N N 20  
ARG NE   N N N 21  
ARG CZ   C N N 22  
ARG NH1  N N N 23  
ARG NH2  N N N 24  
ARG OXT  O N N 25  
ARG H    H N N 26  
ARG H2   H N N 27  
ARG HA   H N N 28  
ARG HB2  H N N 29  
ARG HB3  H N N 30  
ARG HG2  H N N 31  
ARG HG3  H N N 32  
ARG HD2  H N N 33  
ARG HD3  H N N 34  
ARG HE   H N N 35  
ARG HH11 H N N 36  
ARG HH12 H N N 37  
ARG HH21 H N N 38  
ARG HH22 H N N 39  
ARG HXT  H N N 40  
ASN N    N N N 41  
ASN CA   C N S 42  
ASN C    C N N 43  
ASN O    O N N 44  
ASN CB   C N N 45  
ASN CG   C N N 46  
ASN OD1  O N N 47  
ASN ND2  N N N 48  
ASN OXT  O N N 49  
ASN H    H N N 50  
ASN H2   H N N 51  
ASN HA   H N N 52  
ASN HB2  H N N 53  
ASN HB3  H N N 54  
ASN HD21 H N N 55  
ASN HD22 H N N 56  
ASN HXT  H N N 57  
ASP N    N N N 58  
ASP CA   C N S 59  
ASP C    C N N 60  
ASP O    O N N 61  
ASP CB   C N N 62  
ASP CG   C N N 63  
ASP OD1  O N N 64  
ASP OD2  O N N 65  
ASP OXT  O N N 66  
ASP H    H N N 67  
ASP H2   H N N 68  
ASP HA   H N N 69  
ASP HB2  H N N 70  
ASP HB3  H N N 71  
ASP HD2  H N N 72  
ASP HXT  H N N 73  
GLN N    N N N 74  
GLN CA   C N S 75  
GLN C    C N N 76  
GLN O    O N N 77  
GLN CB   C N N 78  
GLN CG   C N N 79  
GLN CD   C N N 80  
GLN OE1  O N N 81  
GLN NE2  N N N 82  
GLN OXT  O N N 83  
GLN H    H N N 84  
GLN H2   H N N 85  
GLN HA   H N N 86  
GLN HB2  H N N 87  
GLN HB3  H N N 88  
GLN HG2  H N N 89  
GLN HG3  H N N 90  
GLN HE21 H N N 91  
GLN HE22 H N N 92  
GLN HXT  H N N 93  
GLU N    N N N 94  
GLU CA   C N S 95  
GLU C    C N N 96  
GLU O    O N N 97  
GLU CB   C N N 98  
GLU CG   C N N 99  
GLU CD   C N N 100 
GLU OE1  O N N 101 
GLU OE2  O N N 102 
GLU OXT  O N N 103 
GLU H    H N N 104 
GLU H2   H N N 105 
GLU HA   H N N 106 
GLU HB2  H N N 107 
GLU HB3  H N N 108 
GLU HG2  H N N 109 
GLU HG3  H N N 110 
GLU HE2  H N N 111 
GLU HXT  H N N 112 
GLY N    N N N 113 
GLY CA   C N N 114 
GLY C    C N N 115 
GLY O    O N N 116 
GLY OXT  O N N 117 
GLY H    H N N 118 
GLY H2   H N N 119 
GLY HA2  H N N 120 
GLY HA3  H N N 121 
GLY HXT  H N N 122 
HIS N    N N N 123 
HIS CA   C N S 124 
HIS C    C N N 125 
HIS O    O N N 126 
HIS CB   C N N 127 
HIS CG   C Y N 128 
HIS ND1  N Y N 129 
HIS CD2  C Y N 130 
HIS CE1  C Y N 131 
HIS NE2  N Y N 132 
HIS OXT  O N N 133 
HIS H    H N N 134 
HIS H2   H N N 135 
HIS HA   H N N 136 
HIS HB2  H N N 137 
HIS HB3  H N N 138 
HIS HD1  H N N 139 
HIS HD2  H N N 140 
HIS HE1  H N N 141 
HIS HE2  H N N 142 
HIS HXT  H N N 143 
HOH O    O N N 144 
HOH H1   H N N 145 
HOH H2   H N N 146 
ILE N    N N N 147 
ILE CA   C N S 148 
ILE C    C N N 149 
ILE O    O N N 150 
ILE CB   C N S 151 
ILE CG1  C N N 152 
ILE CG2  C N N 153 
ILE CD1  C N N 154 
ILE OXT  O N N 155 
ILE H    H N N 156 
ILE H2   H N N 157 
ILE HA   H N N 158 
ILE HB   H N N 159 
ILE HG12 H N N 160 
ILE HG13 H N N 161 
ILE HG21 H N N 162 
ILE HG22 H N N 163 
ILE HG23 H N N 164 
ILE HD11 H N N 165 
ILE HD12 H N N 166 
ILE HD13 H N N 167 
ILE HXT  H N N 168 
LEU N    N N N 169 
LEU CA   C N S 170 
LEU C    C N N 171 
LEU O    O N N 172 
LEU CB   C N N 173 
LEU CG   C N N 174 
LEU CD1  C N N 175 
LEU CD2  C N N 176 
LEU OXT  O N N 177 
LEU H    H N N 178 
LEU H2   H N N 179 
LEU HA   H N N 180 
LEU HB2  H N N 181 
LEU HB3  H N N 182 
LEU HG   H N N 183 
LEU HD11 H N N 184 
LEU HD12 H N N 185 
LEU HD13 H N N 186 
LEU HD21 H N N 187 
LEU HD22 H N N 188 
LEU HD23 H N N 189 
LEU HXT  H N N 190 
LYS N    N N N 191 
LYS CA   C N S 192 
LYS C    C N N 193 
LYS O    O N N 194 
LYS CB   C N N 195 
LYS CG   C N N 196 
LYS CD   C N N 197 
LYS CE   C N N 198 
LYS NZ   N N N 199 
LYS OXT  O N N 200 
LYS H    H N N 201 
LYS H2   H N N 202 
LYS HA   H N N 203 
LYS HB2  H N N 204 
LYS HB3  H N N 205 
LYS HG2  H N N 206 
LYS HG3  H N N 207 
LYS HD2  H N N 208 
LYS HD3  H N N 209 
LYS HE2  H N N 210 
LYS HE3  H N N 211 
LYS HZ1  H N N 212 
LYS HZ2  H N N 213 
LYS HZ3  H N N 214 
LYS HXT  H N N 215 
PHE N    N N N 216 
PHE CA   C N S 217 
PHE C    C N N 218 
PHE O    O N N 219 
PHE CB   C N N 220 
PHE CG   C Y N 221 
PHE CD1  C Y N 222 
PHE CD2  C Y N 223 
PHE CE1  C Y N 224 
PHE CE2  C Y N 225 
PHE CZ   C Y N 226 
PHE OXT  O N N 227 
PHE H    H N N 228 
PHE H2   H N N 229 
PHE HA   H N N 230 
PHE HB2  H N N 231 
PHE HB3  H N N 232 
PHE HD1  H N N 233 
PHE HD2  H N N 234 
PHE HE1  H N N 235 
PHE HE2  H N N 236 
PHE HZ   H N N 237 
PHE HXT  H N N 238 
PRO N    N N N 239 
PRO CA   C N S 240 
PRO C    C N N 241 
PRO O    O N N 242 
PRO CB   C N N 243 
PRO CG   C N N 244 
PRO CD   C N N 245 
PRO OXT  O N N 246 
PRO H    H N N 247 
PRO HA   H N N 248 
PRO HB2  H N N 249 
PRO HB3  H N N 250 
PRO HG2  H N N 251 
PRO HG3  H N N 252 
PRO HD2  H N N 253 
PRO HD3  H N N 254 
PRO HXT  H N N 255 
SER N    N N N 256 
SER CA   C N S 257 
SER C    C N N 258 
SER O    O N N 259 
SER CB   C N N 260 
SER OG   O N N 261 
SER OXT  O N N 262 
SER H    H N N 263 
SER H2   H N N 264 
SER HA   H N N 265 
SER HB2  H N N 266 
SER HB3  H N N 267 
SER HG   H N N 268 
SER HXT  H N N 269 
THR N    N N N 270 
THR CA   C N S 271 
THR C    C N N 272 
THR O    O N N 273 
THR CB   C N R 274 
THR OG1  O N N 275 
THR CG2  C N N 276 
THR OXT  O N N 277 
THR H    H N N 278 
THR H2   H N N 279 
THR HA   H N N 280 
THR HB   H N N 281 
THR HG1  H N N 282 
THR HG21 H N N 283 
THR HG22 H N N 284 
THR HG23 H N N 285 
THR HXT  H N N 286 
TRP N    N N N 287 
TRP CA   C N S 288 
TRP C    C N N 289 
TRP O    O N N 290 
TRP CB   C N N 291 
TRP CG   C Y N 292 
TRP CD1  C Y N 293 
TRP CD2  C Y N 294 
TRP NE1  N Y N 295 
TRP CE2  C Y N 296 
TRP CE3  C Y N 297 
TRP CZ2  C Y N 298 
TRP CZ3  C Y N 299 
TRP CH2  C Y N 300 
TRP OXT  O N N 301 
TRP H    H N N 302 
TRP H2   H N N 303 
TRP HA   H N N 304 
TRP HB2  H N N 305 
TRP HB3  H N N 306 
TRP HD1  H N N 307 
TRP HE1  H N N 308 
TRP HE3  H N N 309 
TRP HZ2  H N N 310 
TRP HZ3  H N N 311 
TRP HH2  H N N 312 
TRP HXT  H N N 313 
TYR N    N N N 314 
TYR CA   C N S 315 
TYR C    C N N 316 
TYR O    O N N 317 
TYR CB   C N N 318 
TYR CG   C Y N 319 
TYR CD1  C Y N 320 
TYR CD2  C Y N 321 
TYR CE1  C Y N 322 
TYR CE2  C Y N 323 
TYR CZ   C Y N 324 
TYR OH   O N N 325 
TYR OXT  O N N 326 
TYR H    H N N 327 
TYR H2   H N N 328 
TYR HA   H N N 329 
TYR HB2  H N N 330 
TYR HB3  H N N 331 
TYR HD1  H N N 332 
TYR HD2  H N N 333 
TYR HE1  H N N 334 
TYR HE2  H N N 335 
TYR HH   H N N 336 
TYR HXT  H N N 337 
VAL N    N N N 338 
VAL CA   C N S 339 
VAL C    C N N 340 
VAL O    O N N 341 
VAL CB   C N N 342 
VAL CG1  C N N 343 
VAL CG2  C N N 344 
VAL OXT  O N N 345 
VAL H    H N N 346 
VAL H2   H N N 347 
VAL HA   H N N 348 
VAL HB   H N N 349 
VAL HG11 H N N 350 
VAL HG12 H N N 351 
VAL HG13 H N N 352 
VAL HG21 H N N 353 
VAL HG22 H N N 354 
VAL HG23 H N N 355 
VAL HXT  H N N 356 
# 
loop_
_chem_comp_bond.comp_id 
_chem_comp_bond.atom_id_1 
_chem_comp_bond.atom_id_2 
_chem_comp_bond.value_order 
_chem_comp_bond.pdbx_aromatic_flag 
_chem_comp_bond.pdbx_stereo_config 
_chem_comp_bond.pdbx_ordinal 
ALA N   CA   sing N N 1   
ALA N   H    sing N N 2   
ALA N   H2   sing N N 3   
ALA CA  C    sing N N 4   
ALA CA  CB   sing N N 5   
ALA CA  HA   sing N N 6   
ALA C   O    doub N N 7   
ALA C   OXT  sing N N 8   
ALA CB  HB1  sing N N 9   
ALA CB  HB2  sing N N 10  
ALA CB  HB3  sing N N 11  
ALA OXT HXT  sing N N 12  
ARG N   CA   sing N N 13  
ARG N   H    sing N N 14  
ARG N   H2   sing N N 15  
ARG CA  C    sing N N 16  
ARG CA  CB   sing N N 17  
ARG CA  HA   sing N N 18  
ARG C   O    doub N N 19  
ARG C   OXT  sing N N 20  
ARG CB  CG   sing N N 21  
ARG CB  HB2  sing N N 22  
ARG CB  HB3  sing N N 23  
ARG CG  CD   sing N N 24  
ARG CG  HG2  sing N N 25  
ARG CG  HG3  sing N N 26  
ARG CD  NE   sing N N 27  
ARG CD  HD2  sing N N 28  
ARG CD  HD3  sing N N 29  
ARG NE  CZ   sing N N 30  
ARG NE  HE   sing N N 31  
ARG CZ  NH1  sing N N 32  
ARG CZ  NH2  doub N N 33  
ARG NH1 HH11 sing N N 34  
ARG NH1 HH12 sing N N 35  
ARG NH2 HH21 sing N N 36  
ARG NH2 HH22 sing N N 37  
ARG OXT HXT  sing N N 38  
ASN N   CA   sing N N 39  
ASN N   H    sing N N 40  
ASN N   H2   sing N N 41  
ASN CA  C    sing N N 42  
ASN CA  CB   sing N N 43  
ASN CA  HA   sing N N 44  
ASN C   O    doub N N 45  
ASN C   OXT  sing N N 46  
ASN CB  CG   sing N N 47  
ASN CB  HB2  sing N N 48  
ASN CB  HB3  sing N N 49  
ASN CG  OD1  doub N N 50  
ASN CG  ND2  sing N N 51  
ASN ND2 HD21 sing N N 52  
ASN ND2 HD22 sing N N 53  
ASN OXT HXT  sing N N 54  
ASP N   CA   sing N N 55  
ASP N   H    sing N N 56  
ASP N   H2   sing N N 57  
ASP CA  C    sing N N 58  
ASP CA  CB   sing N N 59  
ASP CA  HA   sing N N 60  
ASP C   O    doub N N 61  
ASP C   OXT  sing N N 62  
ASP CB  CG   sing N N 63  
ASP CB  HB2  sing N N 64  
ASP CB  HB3  sing N N 65  
ASP CG  OD1  doub N N 66  
ASP CG  OD2  sing N N 67  
ASP OD2 HD2  sing N N 68  
ASP OXT HXT  sing N N 69  
GLN N   CA   sing N N 70  
GLN N   H    sing N N 71  
GLN N   H2   sing N N 72  
GLN CA  C    sing N N 73  
GLN CA  CB   sing N N 74  
GLN CA  HA   sing N N 75  
GLN C   O    doub N N 76  
GLN C   OXT  sing N N 77  
GLN CB  CG   sing N N 78  
GLN CB  HB2  sing N N 79  
GLN CB  HB3  sing N N 80  
GLN CG  CD   sing N N 81  
GLN CG  HG2  sing N N 82  
GLN CG  HG3  sing N N 83  
GLN CD  OE1  doub N N 84  
GLN CD  NE2  sing N N 85  
GLN NE2 HE21 sing N N 86  
GLN NE2 HE22 sing N N 87  
GLN OXT HXT  sing N N 88  
GLU N   CA   sing N N 89  
GLU N   H    sing N N 90  
GLU N   H2   sing N N 91  
GLU CA  C    sing N N 92  
GLU CA  CB   sing N N 93  
GLU CA  HA   sing N N 94  
GLU C   O    doub N N 95  
GLU C   OXT  sing N N 96  
GLU CB  CG   sing N N 97  
GLU CB  HB2  sing N N 98  
GLU CB  HB3  sing N N 99  
GLU CG  CD   sing N N 100 
GLU CG  HG2  sing N N 101 
GLU CG  HG3  sing N N 102 
GLU CD  OE1  doub N N 103 
GLU CD  OE2  sing N N 104 
GLU OE2 HE2  sing N N 105 
GLU OXT HXT  sing N N 106 
GLY N   CA   sing N N 107 
GLY N   H    sing N N 108 
GLY N   H2   sing N N 109 
GLY CA  C    sing N N 110 
GLY CA  HA2  sing N N 111 
GLY CA  HA3  sing N N 112 
GLY C   O    doub N N 113 
GLY C   OXT  sing N N 114 
GLY OXT HXT  sing N N 115 
HIS N   CA   sing N N 116 
HIS N   H    sing N N 117 
HIS N   H2   sing N N 118 
HIS CA  C    sing N N 119 
HIS CA  CB   sing N N 120 
HIS CA  HA   sing N N 121 
HIS C   O    doub N N 122 
HIS C   OXT  sing N N 123 
HIS CB  CG   sing N N 124 
HIS CB  HB2  sing N N 125 
HIS CB  HB3  sing N N 126 
HIS CG  ND1  sing Y N 127 
HIS CG  CD2  doub Y N 128 
HIS ND1 CE1  doub Y N 129 
HIS ND1 HD1  sing N N 130 
HIS CD2 NE2  sing Y N 131 
HIS CD2 HD2  sing N N 132 
HIS CE1 NE2  sing Y N 133 
HIS CE1 HE1  sing N N 134 
HIS NE2 HE2  sing N N 135 
HIS OXT HXT  sing N N 136 
HOH O   H1   sing N N 137 
HOH O   H2   sing N N 138 
ILE N   CA   sing N N 139 
ILE N   H    sing N N 140 
ILE N   H2   sing N N 141 
ILE CA  C    sing N N 142 
ILE CA  CB   sing N N 143 
ILE CA  HA   sing N N 144 
ILE C   O    doub N N 145 
ILE C   OXT  sing N N 146 
ILE CB  CG1  sing N N 147 
ILE CB  CG2  sing N N 148 
ILE CB  HB   sing N N 149 
ILE CG1 CD1  sing N N 150 
ILE CG1 HG12 sing N N 151 
ILE CG1 HG13 sing N N 152 
ILE CG2 HG21 sing N N 153 
ILE CG2 HG22 sing N N 154 
ILE CG2 HG23 sing N N 155 
ILE CD1 HD11 sing N N 156 
ILE CD1 HD12 sing N N 157 
ILE CD1 HD13 sing N N 158 
ILE OXT HXT  sing N N 159 
LEU N   CA   sing N N 160 
LEU N   H    sing N N 161 
LEU N   H2   sing N N 162 
LEU CA  C    sing N N 163 
LEU CA  CB   sing N N 164 
LEU CA  HA   sing N N 165 
LEU C   O    doub N N 166 
LEU C   OXT  sing N N 167 
LEU CB  CG   sing N N 168 
LEU CB  HB2  sing N N 169 
LEU CB  HB3  sing N N 170 
LEU CG  CD1  sing N N 171 
LEU CG  CD2  sing N N 172 
LEU CG  HG   sing N N 173 
LEU CD1 HD11 sing N N 174 
LEU CD1 HD12 sing N N 175 
LEU CD1 HD13 sing N N 176 
LEU CD2 HD21 sing N N 177 
LEU CD2 HD22 sing N N 178 
LEU CD2 HD23 sing N N 179 
LEU OXT HXT  sing N N 180 
LYS N   CA   sing N N 181 
LYS N   H    sing N N 182 
LYS N   H2   sing N N 183 
LYS CA  C    sing N N 184 
LYS CA  CB   sing N N 185 
LYS CA  HA   sing N N 186 
LYS C   O    doub N N 187 
LYS C   OXT  sing N N 188 
LYS CB  CG   sing N N 189 
LYS CB  HB2  sing N N 190 
LYS CB  HB3  sing N N 191 
LYS CG  CD   sing N N 192 
LYS CG  HG2  sing N N 193 
LYS CG  HG3  sing N N 194 
LYS CD  CE   sing N N 195 
LYS CD  HD2  sing N N 196 
LYS CD  HD3  sing N N 197 
LYS CE  NZ   sing N N 198 
LYS CE  HE2  sing N N 199 
LYS CE  HE3  sing N N 200 
LYS NZ  HZ1  sing N N 201 
LYS NZ  HZ2  sing N N 202 
LYS NZ  HZ3  sing N N 203 
LYS OXT HXT  sing N N 204 
PHE N   CA   sing N N 205 
PHE N   H    sing N N 206 
PHE N   H2   sing N N 207 
PHE CA  C    sing N N 208 
PHE CA  CB   sing N N 209 
PHE CA  HA   sing N N 210 
PHE C   O    doub N N 211 
PHE C   OXT  sing N N 212 
PHE CB  CG   sing N N 213 
PHE CB  HB2  sing N N 214 
PHE CB  HB3  sing N N 215 
PHE CG  CD1  doub Y N 216 
PHE CG  CD2  sing Y N 217 
PHE CD1 CE1  sing Y N 218 
PHE CD1 HD1  sing N N 219 
PHE CD2 CE2  doub Y N 220 
PHE CD2 HD2  sing N N 221 
PHE CE1 CZ   doub Y N 222 
PHE CE1 HE1  sing N N 223 
PHE CE2 CZ   sing Y N 224 
PHE CE2 HE2  sing N N 225 
PHE CZ  HZ   sing N N 226 
PHE OXT HXT  sing N N 227 
PRO N   CA   sing N N 228 
PRO N   CD   sing N N 229 
PRO N   H    sing N N 230 
PRO CA  C    sing N N 231 
PRO CA  CB   sing N N 232 
PRO CA  HA   sing N N 233 
PRO C   O    doub N N 234 
PRO C   OXT  sing N N 235 
PRO CB  CG   sing N N 236 
PRO CB  HB2  sing N N 237 
PRO CB  HB3  sing N N 238 
PRO CG  CD   sing N N 239 
PRO CG  HG2  sing N N 240 
PRO CG  HG3  sing N N 241 
PRO CD  HD2  sing N N 242 
PRO CD  HD3  sing N N 243 
PRO OXT HXT  sing N N 244 
SER N   CA   sing N N 245 
SER N   H    sing N N 246 
SER N   H2   sing N N 247 
SER CA  C    sing N N 248 
SER CA  CB   sing N N 249 
SER CA  HA   sing N N 250 
SER C   O    doub N N 251 
SER C   OXT  sing N N 252 
SER CB  OG   sing N N 253 
SER CB  HB2  sing N N 254 
SER CB  HB3  sing N N 255 
SER OG  HG   sing N N 256 
SER OXT HXT  sing N N 257 
THR N   CA   sing N N 258 
THR N   H    sing N N 259 
THR N   H2   sing N N 260 
THR CA  C    sing N N 261 
THR CA  CB   sing N N 262 
THR CA  HA   sing N N 263 
THR C   O    doub N N 264 
THR C   OXT  sing N N 265 
THR CB  OG1  sing N N 266 
THR CB  CG2  sing N N 267 
THR CB  HB   sing N N 268 
THR OG1 HG1  sing N N 269 
THR CG2 HG21 sing N N 270 
THR CG2 HG22 sing N N 271 
THR CG2 HG23 sing N N 272 
THR OXT HXT  sing N N 273 
TRP N   CA   sing N N 274 
TRP N   H    sing N N 275 
TRP N   H2   sing N N 276 
TRP CA  C    sing N N 277 
TRP CA  CB   sing N N 278 
TRP CA  HA   sing N N 279 
TRP C   O    doub N N 280 
TRP C   OXT  sing N N 281 
TRP CB  CG   sing N N 282 
TRP CB  HB2  sing N N 283 
TRP CB  HB3  sing N N 284 
TRP CG  CD1  doub Y N 285 
TRP CG  CD2  sing Y N 286 
TRP CD1 NE1  sing Y N 287 
TRP CD1 HD1  sing N N 288 
TRP CD2 CE2  doub Y N 289 
TRP CD2 CE3  sing Y N 290 
TRP NE1 CE2  sing Y N 291 
TRP NE1 HE1  sing N N 292 
TRP CE2 CZ2  sing Y N 293 
TRP CE3 CZ3  doub Y N 294 
TRP CE3 HE3  sing N N 295 
TRP CZ2 CH2  doub Y N 296 
TRP CZ2 HZ2  sing N N 297 
TRP CZ3 CH2  sing Y N 298 
TRP CZ3 HZ3  sing N N 299 
TRP CH2 HH2  sing N N 300 
TRP OXT HXT  sing N N 301 
TYR N   CA   sing N N 302 
TYR N   H    sing N N 303 
TYR N   H2   sing N N 304 
TYR CA  C    sing N N 305 
TYR CA  CB   sing N N 306 
TYR CA  HA   sing N N 307 
TYR C   O    doub N N 308 
TYR C   OXT  sing N N 309 
TYR CB  CG   sing N N 310 
TYR CB  HB2  sing N N 311 
TYR CB  HB3  sing N N 312 
TYR CG  CD1  doub Y N 313 
TYR CG  CD2  sing Y N 314 
TYR CD1 CE1  sing Y N 315 
TYR CD1 HD1  sing N N 316 
TYR CD2 CE2  doub Y N 317 
TYR CD2 HD2  sing N N 318 
TYR CE1 CZ   doub Y N 319 
TYR CE1 HE1  sing N N 320 
TYR CE2 CZ   sing Y N 321 
TYR CE2 HE2  sing N N 322 
TYR CZ  OH   sing N N 323 
TYR OH  HH   sing N N 324 
TYR OXT HXT  sing N N 325 
VAL N   CA   sing N N 326 
VAL N   H    sing N N 327 
VAL N   H2   sing N N 328 
VAL CA  C    sing N N 329 
VAL CA  CB   sing N N 330 
VAL CA  HA   sing N N 331 
VAL C   O    doub N N 332 
VAL C   OXT  sing N N 333 
VAL CB  CG1  sing N N 334 
VAL CB  CG2  sing N N 335 
VAL CB  HB   sing N N 336 
VAL CG1 HG11 sing N N 337 
VAL CG1 HG12 sing N N 338 
VAL CG1 HG13 sing N N 339 
VAL CG2 HG21 sing N N 340 
VAL CG2 HG22 sing N N 341 
VAL CG2 HG23 sing N N 342 
VAL OXT HXT  sing N N 343 
# 
_pdbx_entity_nonpoly.entity_id   2 
_pdbx_entity_nonpoly.name        water 
_pdbx_entity_nonpoly.comp_id     HOH 
# 
_pdbx_initial_refinement_model.id               1 
_pdbx_initial_refinement_model.entity_id_list   ? 
_pdbx_initial_refinement_model.type             'experimental model' 
_pdbx_initial_refinement_model.source_name      PDB 
_pdbx_initial_refinement_model.accession_code   1Z0M 
_pdbx_initial_refinement_model.details          ? 
# 
